data_2FGJ
#
_entry.id   2FGJ
#
_cell.length_a   46.558
_cell.length_b   195.166
_cell.length_c   63.288
_cell.angle_alpha   90.00
_cell.angle_beta   110.85
_cell.angle_gamma   90.00
#
_symmetry.space_group_name_H-M   'P 1 21 1'
#
loop_
_entity.id
_entity.type
_entity.pdbx_description
1 polymer 'Alpha-hemolysin translocation ATP-binding protein hlyB'
2 non-polymer "ADENOSINE-5'-TRIPHOSPHATE"
3 water water
#
_entity_poly.entity_id   1
_entity_poly.type   'polypeptide(L)'
_entity_poly.pdbx_seq_one_letter_code
;HHHHHHDITFRNIRFRYKPDSPVILDNINLSIKQGEVIGIVGRSGSGKSTLTKLIQRFYIPENGQVLIDGHDLALADPNW
LRRQVGVVLQDNVLLNRSIIDNISLANPGMSVEKVIYAAKLAGAHDFISELREGYNTIVGEQGAGLSGGQRQRIAIARAL
VNNPKILIFDEATSALDYESEHVIMRNMHKICKGRTVIIIAARLSTVKNADRIIVMEKGKIVEQGKHKELLSEPESLYSY
LYQLQSD
;
_entity_poly.pdbx_strand_id   A,B,C,D
#
loop_
_chem_comp.id
_chem_comp.type
_chem_comp.name
_chem_comp.formula
ATP non-polymer ADENOSINE-5'-TRIPHOSPHATE 'C10 H16 N5 O13 P3'
#
# COMPACT_ATOMS: atom_id res chain seq x y z
N ASP A 7 22.79 24.72 10.84
CA ASP A 7 22.10 23.74 11.74
C ASP A 7 22.66 22.32 11.59
N ILE A 8 23.52 22.12 10.58
CA ILE A 8 24.41 20.96 10.54
C ILE A 8 25.82 21.50 10.62
N THR A 9 26.57 21.06 11.62
CA THR A 9 27.90 21.60 11.87
C THR A 9 28.95 20.51 11.97
N PHE A 10 29.98 20.66 11.16
CA PHE A 10 31.19 19.84 11.25
C PHE A 10 32.28 20.75 11.73
N ARG A 11 32.94 20.38 12.83
CA ARG A 11 34.11 21.12 13.29
C ARG A 11 35.31 20.23 13.57
N ASN A 12 36.43 20.55 12.94
CA ASN A 12 37.70 19.82 13.09
C ASN A 12 37.57 18.31 12.93
N ILE A 13 36.64 17.90 12.07
CA ILE A 13 36.34 16.48 11.88
C ILE A 13 37.45 15.74 11.13
N ARG A 14 38.07 14.79 11.82
CA ARG A 14 38.93 13.80 11.18
C ARG A 14 38.31 12.42 11.27
N PHE A 15 38.39 11.68 10.18
CA PHE A 15 37.74 10.39 10.10
C PHE A 15 38.44 9.41 9.18
N ARG A 16 38.63 8.20 9.70
CA ARG A 16 39.02 7.03 8.93
C ARG A 16 38.06 5.90 9.29
N TYR A 17 37.89 4.93 8.38
CA TYR A 17 36.92 3.87 8.56
C TYR A 17 37.33 2.80 9.58
N LYS A 18 38.64 2.60 9.73
CA LYS A 18 39.19 1.59 10.63
C LYS A 18 40.60 1.99 11.09
N PRO A 19 41.10 1.38 12.17
CA PRO A 19 42.45 1.67 12.69
C PRO A 19 43.56 1.82 11.64
N ASP A 20 43.65 0.89 10.69
CA ASP A 20 44.71 0.93 9.67
C ASP A 20 44.29 1.58 8.33
N SER A 21 43.07 2.10 8.30
CA SER A 21 42.57 2.85 7.15
C SER A 21 43.31 4.19 7.05
N PRO A 22 43.52 4.67 5.81
CA PRO A 22 44.04 6.02 5.61
C PRO A 22 43.01 7.07 6.01
N VAL A 23 43.49 8.28 6.34
CA VAL A 23 42.60 9.38 6.71
C VAL A 23 41.74 9.76 5.50
N ILE A 24 40.42 9.61 5.66
CA ILE A 24 39.47 9.93 4.59
C ILE A 24 39.03 11.40 4.69
N LEU A 25 38.49 11.80 5.83
CA LEU A 25 38.18 13.21 6.07
C LEU A 25 39.23 13.82 6.99
N ASP A 26 39.96 14.80 6.50
CA ASP A 26 40.97 15.47 7.31
C ASP A 26 40.52 16.91 7.61
N ASN A 27 40.16 17.13 8.87
CA ASN A 27 39.86 18.45 9.42
C ASN A 27 38.81 19.30 8.67
N ILE A 28 37.64 18.73 8.39
CA ILE A 28 36.54 19.51 7.82
C ILE A 28 35.86 20.42 8.83
N ASN A 29 35.64 21.66 8.40
CA ASN A 29 34.84 22.61 9.13
C ASN A 29 33.76 23.17 8.22
N LEU A 30 32.50 23.05 8.64
CA LEU A 30 31.38 23.33 7.76
C LEU A 30 30.06 23.55 8.50
N SER A 31 29.35 24.62 8.14
CA SER A 31 27.99 24.87 8.62
C SER A 31 27.00 24.92 7.46
N ILE A 32 26.00 24.04 7.50
CA ILE A 32 24.88 24.09 6.58
C ILE A 32 23.62 24.48 7.35
N LYS A 33 23.04 25.63 7.00
CA LYS A 33 21.87 26.13 7.71
C LYS A 33 20.58 25.49 7.19
N GLN A 34 19.53 25.55 8.01
CA GLN A 34 18.24 24.96 7.65
C GLN A 34 17.64 25.63 6.41
N GLY A 35 17.14 24.83 5.49
CA GLY A 35 16.47 25.30 4.29
C GLY A 35 17.40 25.59 3.12
N GLU A 36 18.58 24.99 3.15
CA GLU A 36 19.63 25.31 2.19
C GLU A 36 19.93 24.15 1.23
N VAL A 37 19.91 24.45 -0.06
CA VAL A 37 20.29 23.48 -1.09
C VAL A 37 21.79 23.54 -1.32
N ILE A 38 22.47 22.48 -0.89
CA ILE A 38 23.92 22.41 -1.01
C ILE A 38 24.33 21.24 -1.89
N GLY A 39 25.20 21.52 -2.85
CA GLY A 39 25.71 20.51 -3.76
C GLY A 39 27.15 20.17 -3.43
N ILE A 40 27.50 18.90 -3.53
CA ILE A 40 28.87 18.47 -3.31
C ILE A 40 29.41 17.77 -4.55
N VAL A 41 30.52 18.30 -5.07
CA VAL A 41 31.18 17.75 -6.25
C VAL A 41 32.66 17.45 -5.98
N GLY A 42 33.29 16.68 -6.87
CA GLY A 42 34.71 16.34 -6.74
C GLY A 42 35.02 15.00 -7.36
N ARG A 43 36.31 14.72 -7.55
CA ARG A 43 36.80 13.46 -8.13
C ARG A 43 36.18 12.24 -7.46
N SER A 44 36.07 11.15 -8.20
CA SER A 44 35.74 9.87 -7.61
C SER A 44 36.76 9.55 -6.50
N GLY A 45 36.24 9.35 -5.28
CA GLY A 45 37.09 8.96 -4.13
C GLY A 45 37.50 10.11 -3.24
N SER A 46 37.01 11.32 -3.54
CA SER A 46 37.41 12.51 -2.81
C SER A 46 36.80 12.62 -1.39
N GLY A 47 35.79 11.80 -1.13
CA GLY A 47 35.18 11.71 0.20
C GLY A 47 33.80 12.35 0.32
N LYS A 48 33.07 12.41 -0.79
CA LYS A 48 31.76 13.07 -0.81
C LYS A 48 30.71 12.31 0.00
N SER A 49 30.55 11.03 -0.29
CA SER A 49 29.62 10.18 0.44
C SER A 49 30.00 10.09 1.91
N THR A 50 31.28 9.87 2.20
CA THR A 50 31.76 9.70 3.58
C THR A 50 31.32 10.87 4.46
N LEU A 51 31.48 12.09 3.94
CA LEU A 51 30.97 13.29 4.62
C LEU A 51 29.51 13.11 4.99
N THR A 52 28.73 12.67 4.01
CA THR A 52 27.31 12.40 4.13
C THR A 52 26.99 11.28 5.14
N LYS A 53 27.86 10.29 5.23
CA LYS A 53 27.65 9.17 6.18
C LYS A 53 27.79 9.60 7.63
N LEU A 54 28.53 10.67 7.86
CA LEU A 54 28.76 11.18 9.21
C LEU A 54 27.55 11.94 9.76
N ILE A 55 26.63 12.31 8.85
CA ILE A 55 25.37 12.94 9.24
C ILE A 55 24.39 11.88 9.74
N GLN A 56 24.62 10.62 9.36
CA GLN A 56 23.73 9.51 9.71
C GLN A 56 24.22 8.67 10.89
N ARG A 57 25.31 9.12 11.52
CA ARG A 57 25.96 8.39 12.62
C ARG A 57 26.16 6.90 12.30
N PHE A 58 26.44 6.63 11.02
CA PHE A 58 26.95 5.32 10.62
C PHE A 58 28.35 5.15 11.19
N TYR A 59 29.03 6.28 11.42
CA TYR A 59 30.38 6.29 11.99
C TYR A 59 30.63 7.44 12.97
N ILE A 60 31.46 7.15 13.98
CA ILE A 60 31.98 8.15 14.90
C ILE A 60 33.36 8.66 14.43
N PRO A 61 33.52 9.97 14.31
CA PRO A 61 34.78 10.57 13.87
C PRO A 61 35.84 10.61 14.99
N GLU A 62 37.10 10.35 14.65
CA GLU A 62 38.19 10.35 15.63
C GLU A 62 38.47 11.75 16.19
N ASN A 63 38.34 12.76 15.33
CA ASN A 63 38.50 14.15 15.72
C ASN A 63 37.23 14.94 15.49
N GLY A 64 37.01 15.95 16.32
CA GLY A 64 35.92 16.90 16.13
C GLY A 64 34.53 16.36 16.38
N GLN A 65 33.54 17.22 16.10
CA GLN A 65 32.14 16.90 16.36
C GLN A 65 31.26 17.10 15.13
N VAL A 66 30.23 16.25 15.02
CA VAL A 66 29.14 16.48 14.08
C VAL A 66 27.88 16.81 14.87
N LEU A 67 27.32 17.99 14.63
CA LEU A 67 26.18 18.48 15.40
C LEU A 67 25.01 18.85 14.50
N ILE A 68 23.80 18.54 14.98
CA ILE A 68 22.59 18.97 14.31
C ILE A 68 21.77 19.87 15.24
N ASP A 69 21.60 21.13 14.81
CA ASP A 69 21.01 22.20 15.62
C ASP A 69 21.54 22.19 17.07
N GLY A 70 22.86 22.12 17.19
CA GLY A 70 23.52 22.11 18.49
C GLY A 70 23.74 20.74 19.11
N HIS A 71 22.82 19.81 18.82
CA HIS A 71 22.91 18.45 19.37
C HIS A 71 24.06 17.68 18.73
N ASP A 72 25.05 17.33 19.55
CA ASP A 72 26.17 16.49 19.12
C ASP A 72 25.62 15.10 18.78
N LEU A 73 26.01 14.58 17.62
CA LEU A 73 25.54 13.27 17.17
C LEU A 73 26.21 12.10 17.88
N ALA A 74 27.19 12.42 18.73
CA ALA A 74 27.80 11.43 19.59
C ALA A 74 26.85 11.12 20.75
N LEU A 75 26.21 12.15 21.29
CA LEU A 75 25.31 12.00 22.43
C LEU A 75 23.85 11.76 22.06
N ALA A 76 23.47 12.21 20.86
CA ALA A 76 22.07 12.15 20.40
C ALA A 76 21.47 10.74 20.44
N ASP A 77 20.16 10.69 20.65
CA ASP A 77 19.39 9.45 20.62
C ASP A 77 19.42 8.82 19.22
N PRO A 78 19.70 7.52 19.13
CA PRO A 78 19.87 6.82 17.85
C PRO A 78 18.62 6.75 16.97
N ASN A 79 17.45 6.71 17.60
CA ASN A 79 16.18 6.67 16.88
C ASN A 79 15.80 8.05 16.36
N TRP A 80 15.94 9.05 17.23
CA TRP A 80 15.74 10.45 16.87
C TRP A 80 16.56 10.80 15.63
N LEU A 81 17.77 10.23 15.55
CA LEU A 81 18.71 10.43 14.45
C LEU A 81 18.18 9.96 13.10
N ARG A 82 17.65 8.74 13.06
CA ARG A 82 17.17 8.14 11.82
C ARG A 82 15.95 8.86 11.22
N ARG A 83 15.24 9.61 12.06
CA ARG A 83 14.09 10.41 11.63
C ARG A 83 14.49 11.73 10.97
N GLN A 84 15.71 12.19 11.26
CA GLN A 84 16.16 13.49 10.78
C GLN A 84 16.60 13.45 9.32
N VAL A 85 17.22 12.35 8.92
CA VAL A 85 17.85 12.26 7.61
C VAL A 85 17.16 11.22 6.73
N GLY A 86 16.82 11.63 5.50
CA GLY A 86 16.35 10.72 4.46
C GLY A 86 17.36 10.69 3.32
N VAL A 87 17.59 9.51 2.77
CA VAL A 87 18.65 9.32 1.77
C VAL A 87 18.09 8.64 0.53
N VAL A 88 18.43 9.18 -0.64
CA VAL A 88 18.16 8.53 -1.92
C VAL A 88 19.48 8.26 -2.64
N LEU A 89 19.87 6.99 -2.69
CA LEU A 89 21.09 6.59 -3.37
C LEU A 89 20.89 6.53 -4.88
N GLN A 90 21.99 6.32 -5.60
CA GLN A 90 22.01 6.08 -7.04
C GLN A 90 21.10 4.92 -7.41
N ASP A 91 21.09 3.87 -6.60
CA ASP A 91 20.23 2.72 -6.84
C ASP A 91 19.43 2.31 -5.60
N ASN A 92 18.14 2.09 -5.78
CA ASN A 92 17.26 1.77 -4.65
C ASN A 92 16.45 0.49 -4.86
N VAL A 93 16.32 -0.25 -3.77
CA VAL A 93 15.64 -1.53 -3.69
C VAL A 93 14.35 -1.67 -4.50
N LEU A 94 13.25 -1.14 -3.95
CA LEU A 94 11.87 -1.42 -4.40
C LEU A 94 11.39 -2.82 -4.06
N LEU A 95 10.65 -2.93 -2.96
CA LEU A 95 10.03 -4.18 -2.53
C LEU A 95 9.15 -4.78 -3.61
N ASN A 96 9.05 -6.11 -3.64
CA ASN A 96 8.24 -6.80 -4.61
C ASN A 96 6.75 -6.70 -4.26
N ARG A 97 6.17 -5.54 -4.56
CA ARG A 97 4.73 -5.30 -4.42
C ARG A 97 4.33 -4.01 -5.13
N SER A 98 3.15 -3.51 -4.81
CA SER A 98 2.56 -2.38 -5.52
C SER A 98 3.37 -1.11 -5.33
N ILE A 99 3.20 -0.17 -6.27
CA ILE A 99 3.86 1.11 -6.18
C ILE A 99 3.34 1.87 -4.95
N ILE A 100 2.01 1.94 -4.84
CA ILE A 100 1.35 2.60 -3.69
C ILE A 100 1.94 2.16 -2.34
N ASP A 101 2.08 0.85 -2.14
CA ASP A 101 2.66 0.30 -0.91
C ASP A 101 4.15 0.65 -0.76
N ASN A 102 4.88 0.67 -1.88
CA ASN A 102 6.29 1.06 -1.88
C ASN A 102 6.52 2.51 -1.46
N ILE A 103 5.72 3.43 -2.01
CA ILE A 103 5.80 4.84 -1.65
C ILE A 103 5.35 5.09 -0.19
N SER A 104 4.33 4.35 0.24
CA SER A 104 3.74 4.53 1.57
C SER A 104 4.58 4.01 2.74
N LEU A 105 5.73 3.41 2.45
CA LEU A 105 6.71 3.03 3.47
C LEU A 105 7.12 4.23 4.32
N ALA A 106 7.05 5.40 3.69
CA ALA A 106 7.45 6.68 4.29
C ALA A 106 6.41 7.27 5.23
N ASN A 107 5.14 7.00 4.96
CA ASN A 107 4.02 7.48 5.79
C ASN A 107 2.86 6.49 5.79
N PRO A 108 2.98 5.41 6.56
CA PRO A 108 1.96 4.36 6.59
C PRO A 108 0.57 4.89 6.94
N GLY A 109 -0.43 4.54 6.12
CA GLY A 109 -1.81 5.01 6.32
C GLY A 109 -2.21 6.11 5.34
N MET A 110 -1.30 6.42 4.41
CA MET A 110 -1.49 7.44 3.38
C MET A 110 -2.66 7.17 2.45
N SER A 111 -3.38 8.24 2.10
CA SER A 111 -4.43 8.16 1.09
C SER A 111 -3.82 8.11 -0.30
N VAL A 112 -4.63 7.71 -1.29
CA VAL A 112 -4.20 7.72 -2.69
C VAL A 112 -3.76 9.12 -3.09
N GLU A 113 -4.58 10.11 -2.73
CA GLU A 113 -4.37 11.52 -3.10
C GLU A 113 -2.98 12.04 -2.78
N LYS A 114 -2.50 11.74 -1.57
CA LYS A 114 -1.17 12.19 -1.15
C LYS A 114 -0.06 11.49 -1.93
N VAL A 115 -0.28 10.22 -2.27
CA VAL A 115 0.66 9.45 -3.10
C VAL A 115 0.73 10.07 -4.50
N ILE A 116 -0.43 10.39 -5.07
CA ILE A 116 -0.50 11.13 -6.34
C ILE A 116 0.40 12.36 -6.25
N TYR A 117 0.10 13.21 -5.27
CA TYR A 117 0.83 14.44 -5.04
C TYR A 117 2.35 14.22 -5.08
N ALA A 118 2.82 13.24 -4.32
CA ALA A 118 4.25 12.97 -4.22
C ALA A 118 4.85 12.33 -5.48
N ALA A 119 4.02 11.62 -6.24
CA ALA A 119 4.45 11.08 -7.53
C ALA A 119 4.54 12.19 -8.58
N LYS A 120 3.58 13.12 -8.56
CA LYS A 120 3.62 14.31 -9.40
C LYS A 120 4.90 15.11 -9.16
N LEU A 121 5.25 15.25 -7.88
CA LEU A 121 6.42 15.99 -7.42
C LEU A 121 7.73 15.39 -7.94
N ALA A 122 7.80 14.06 -7.99
CA ALA A 122 8.98 13.35 -8.48
C ALA A 122 8.97 13.07 -9.98
N GLY A 123 7.89 13.49 -10.66
CA GLY A 123 7.76 13.30 -12.10
C GLY A 123 7.47 11.87 -12.48
N ALA A 124 6.83 11.15 -11.57
CA ALA A 124 6.52 9.74 -11.74
C ALA A 124 5.07 9.49 -12.13
N HIS A 125 4.19 10.44 -11.81
CA HIS A 125 2.74 10.25 -11.97
C HIS A 125 2.29 9.94 -13.39
N ASP A 126 2.89 10.60 -14.38
CA ASP A 126 2.52 10.41 -15.78
C ASP A 126 2.73 8.98 -16.29
N PHE A 127 3.86 8.37 -15.97
CA PHE A 127 4.13 6.99 -16.40
C PHE A 127 3.37 5.93 -15.58
N ILE A 128 3.12 6.23 -14.31
CA ILE A 128 2.37 5.32 -13.41
C ILE A 128 0.93 5.21 -13.87
N SER A 129 0.31 6.35 -14.17
CA SER A 129 -1.09 6.41 -14.59
C SER A 129 -1.35 5.64 -15.87
N GLU A 130 -0.36 5.64 -16.76
CA GLU A 130 -0.46 4.95 -18.05
C GLU A 130 -0.38 3.43 -17.93
N LEU A 131 0.07 2.94 -16.77
CA LEU A 131 0.09 1.51 -16.48
C LEU A 131 -1.31 0.94 -16.34
N ARG A 132 -1.45 -0.35 -16.65
CA ARG A 132 -2.74 -1.04 -16.61
C ARG A 132 -3.40 -0.96 -15.24
N GLU A 133 -2.59 -1.04 -14.19
CA GLU A 133 -3.09 -1.15 -12.82
C GLU A 133 -2.76 0.07 -11.95
N GLY A 134 -2.23 1.12 -12.58
CA GLY A 134 -1.90 2.37 -11.89
C GLY A 134 -0.93 2.19 -10.74
N TYR A 135 -1.29 2.74 -9.57
CA TYR A 135 -0.44 2.65 -8.39
C TYR A 135 -0.41 1.25 -7.77
N ASN A 136 -1.37 0.41 -8.16
CA ASN A 136 -1.50 -0.96 -7.68
C ASN A 136 -0.66 -1.95 -8.49
N THR A 137 0.14 -1.43 -9.42
CA THR A 137 0.76 -2.22 -10.49
C THR A 137 1.70 -3.36 -10.09
N ILE A 138 2.43 -3.21 -8.98
CA ILE A 138 3.38 -4.24 -8.49
C ILE A 138 4.74 -4.24 -9.22
N VAL A 139 5.76 -3.72 -8.53
CA VAL A 139 7.14 -3.72 -9.01
C VAL A 139 7.90 -4.89 -8.38
N GLY A 140 9.23 -4.81 -8.37
CA GLY A 140 10.07 -5.76 -7.65
C GLY A 140 10.37 -7.03 -8.41
N GLU A 141 11.32 -7.80 -7.90
CA GLU A 141 11.88 -8.98 -8.57
C GLU A 141 10.94 -10.17 -8.72
N GLN A 142 9.81 -9.93 -9.38
CA GLN A 142 8.80 -10.94 -9.67
C GLN A 142 7.74 -10.37 -10.62
N GLY A 143 7.21 -9.20 -10.25
CA GLY A 143 6.18 -8.51 -11.04
C GLY A 143 6.73 -7.73 -12.22
N ALA A 144 5.87 -6.95 -12.87
CA ALA A 144 6.22 -6.18 -14.06
C ALA A 144 7.33 -5.15 -13.79
N GLY A 145 8.51 -5.41 -14.36
CA GLY A 145 9.68 -4.56 -14.18
C GLY A 145 9.54 -3.16 -14.74
N LEU A 146 10.47 -2.29 -14.38
CA LEU A 146 10.49 -0.91 -14.85
C LEU A 146 11.89 -0.52 -15.33
N SER A 147 12.02 0.67 -15.91
CA SER A 147 13.33 1.20 -16.27
C SER A 147 14.04 1.69 -15.01
N GLY A 148 15.35 1.91 -15.13
CA GLY A 148 16.13 2.49 -14.04
C GLY A 148 15.53 3.82 -13.61
N GLY A 149 15.38 4.72 -14.57
CA GLY A 149 14.87 6.07 -14.33
C GLY A 149 13.51 6.10 -13.66
N GLN A 150 12.60 5.27 -14.14
CA GLN A 150 11.26 5.13 -13.55
C GLN A 150 11.34 4.62 -12.10
N ARG A 151 12.09 3.54 -11.88
CA ARG A 151 12.31 3.02 -10.54
C ARG A 151 12.93 4.08 -9.65
N GLN A 152 13.87 4.84 -10.21
CA GLN A 152 14.52 5.92 -9.48
C GLN A 152 13.52 7.02 -9.07
N ARG A 153 12.54 7.28 -9.92
CA ARG A 153 11.52 8.30 -9.64
C ARG A 153 10.54 7.90 -8.55
N ILE A 154 10.24 6.59 -8.45
CA ILE A 154 9.43 6.04 -7.35
C ILE A 154 10.15 6.23 -6.01
N ALA A 155 11.45 5.95 -6.01
CA ALA A 155 12.29 6.08 -4.82
C ALA A 155 12.30 7.53 -4.30
N ILE A 156 12.34 8.49 -5.22
CA ILE A 156 12.37 9.91 -4.89
C ILE A 156 11.01 10.37 -4.35
N ALA A 157 9.93 9.93 -5.00
CA ALA A 157 8.58 10.13 -4.46
C ALA A 157 8.51 9.60 -3.03
N ARG A 158 8.97 8.36 -2.83
CA ARG A 158 9.00 7.74 -1.50
C ARG A 158 9.73 8.63 -0.50
N ALA A 159 10.88 9.16 -0.91
CA ALA A 159 11.69 10.02 -0.05
C ALA A 159 11.01 11.35 0.27
N LEU A 160 10.28 11.90 -0.70
CA LEU A 160 9.55 13.15 -0.52
C LEU A 160 8.42 13.05 0.49
N VAL A 161 7.79 11.88 0.57
CA VAL A 161 6.70 11.66 1.54
C VAL A 161 7.23 11.59 2.98
N ASN A 162 8.44 11.04 3.13
CA ASN A 162 9.06 10.90 4.44
C ASN A 162 9.19 12.25 5.17
N ASN A 163 9.47 13.29 4.39
CA ASN A 163 9.66 14.65 4.89
C ASN A 163 10.72 14.78 5.99
N PRO A 164 11.96 14.41 5.68
CA PRO A 164 13.05 14.53 6.64
C PRO A 164 13.54 15.97 6.73
N LYS A 165 14.08 16.36 7.88
CA LYS A 165 14.61 17.72 8.04
C LYS A 165 15.92 17.90 7.28
N ILE A 166 16.50 16.78 6.83
CA ILE A 166 17.70 16.76 6.00
C ILE A 166 17.52 15.66 4.96
N LEU A 167 17.63 16.02 3.69
CA LEU A 167 17.48 15.06 2.59
C LEU A 167 18.75 14.96 1.74
N ILE A 168 19.26 13.75 1.59
CA ILE A 168 20.48 13.49 0.81
C ILE A 168 20.16 12.82 -0.52
N PHE A 169 20.62 13.44 -1.61
CA PHE A 169 20.61 12.83 -2.94
C PHE A 169 22.03 12.38 -3.27
N ASP A 170 22.26 11.08 -3.16
CA ASP A 170 23.57 10.56 -3.49
C ASP A 170 23.60 10.00 -4.92
N GLU A 171 23.96 10.87 -5.86
CA GLU A 171 23.97 10.57 -7.29
C GLU A 171 22.61 10.09 -7.77
N ALA A 172 21.55 10.60 -7.13
CA ALA A 172 20.20 10.08 -7.35
C ALA A 172 19.62 10.36 -8.74
N THR A 173 20.00 11.46 -9.38
CA THR A 173 19.46 11.76 -10.70
C THR A 173 20.52 11.64 -11.79
N SER A 174 21.70 11.18 -11.39
CA SER A 174 22.85 11.02 -12.26
C SER A 174 22.58 10.20 -13.52
N ALA A 175 21.66 9.23 -13.42
CA ALA A 175 21.29 8.40 -14.57
C ALA A 175 19.95 8.82 -15.17
N LEU A 176 19.45 9.97 -14.75
CA LEU A 176 18.17 10.50 -15.21
C LEU A 176 18.39 11.49 -16.35
N ASP A 177 17.41 11.62 -17.23
CA ASP A 177 17.50 12.58 -18.33
C ASP A 177 17.30 14.00 -17.81
N TYR A 178 17.84 14.98 -18.53
CA TYR A 178 17.88 16.37 -18.08
C TYR A 178 16.51 16.96 -17.74
N GLU A 179 15.50 16.58 -18.54
CA GLU A 179 14.13 17.03 -18.37
C GLU A 179 13.46 16.40 -17.14
N SER A 180 13.79 15.14 -16.86
CA SER A 180 13.24 14.43 -15.70
C SER A 180 13.89 14.92 -14.42
N GLU A 181 15.17 15.24 -14.50
CA GLU A 181 15.94 15.77 -13.38
C GLU A 181 15.44 17.16 -13.01
N HIS A 182 15.15 17.95 -14.03
CA HIS A 182 14.68 19.32 -13.83
C HIS A 182 13.33 19.36 -13.09
N VAL A 183 12.37 18.57 -13.55
CA VAL A 183 11.05 18.49 -12.91
C VAL A 183 11.21 18.24 -11.40
N ILE A 184 12.12 17.33 -11.06
CA ILE A 184 12.42 17.00 -9.66
C ILE A 184 13.09 18.18 -8.94
N MET A 185 14.14 18.73 -9.54
CA MET A 185 14.88 19.83 -8.94
C MET A 185 14.04 21.10 -8.79
N ARG A 186 13.25 21.44 -9.80
CA ARG A 186 12.35 22.59 -9.72
C ARG A 186 11.55 22.56 -8.43
N ASN A 187 11.05 21.37 -8.10
CA ASN A 187 10.22 21.19 -6.91
C ASN A 187 11.05 21.17 -5.63
N MET A 188 12.37 21.04 -5.78
CA MET A 188 13.32 21.10 -4.64
C MET A 188 13.43 22.48 -4.02
N HIS A 189 13.08 23.50 -4.81
CA HIS A 189 12.90 24.86 -4.33
C HIS A 189 11.71 24.91 -3.37
N LYS A 190 10.83 23.91 -3.49
CA LYS A 190 9.64 23.79 -2.64
C LYS A 190 9.77 22.57 -1.71
N ILE A 191 10.71 21.68 -2.02
CA ILE A 191 10.98 20.49 -1.22
C ILE A 191 12.06 20.77 -0.17
N CYS A 192 12.72 21.91 -0.28
CA CYS A 192 13.69 22.31 0.75
C CYS A 192 13.05 23.27 1.75
N LYS A 193 11.81 23.68 1.46
CA LYS A 193 11.11 24.63 2.32
C LYS A 193 11.10 24.15 3.77
N GLY A 194 11.98 24.75 4.57
CA GLY A 194 12.14 24.42 5.98
C GLY A 194 13.13 23.30 6.25
N ARG A 195 13.76 22.78 5.19
CA ARG A 195 14.69 21.64 5.33
C ARG A 195 15.91 21.64 4.38
N THR A 196 17.00 21.05 4.86
CA THR A 196 18.26 20.97 4.13
C THR A 196 18.22 19.95 2.99
N VAL A 197 18.83 20.29 1.87
CA VAL A 197 18.97 19.36 0.74
C VAL A 197 20.44 19.25 0.30
N ILE A 198 21.01 18.06 0.49
CA ILE A 198 22.41 17.80 0.15
C ILE A 198 22.48 16.92 -1.09
N ILE A 199 23.15 17.43 -2.13
CA ILE A 199 23.20 16.76 -3.42
C ILE A 199 24.62 16.47 -3.87
N ILE A 200 24.97 15.19 -3.86
CA ILE A 200 26.27 14.72 -4.31
C ILE A 200 26.12 14.41 -5.80
N ALA A 201 26.84 15.15 -6.64
CA ALA A 201 26.69 15.02 -8.09
C ALA A 201 28.00 14.90 -8.88
N ALA A 202 27.99 13.96 -9.82
CA ALA A 202 29.08 13.81 -10.78
C ALA A 202 28.84 14.79 -11.92
N ARG A 203 27.57 15.08 -12.16
CA ARG A 203 27.14 15.94 -13.26
C ARG A 203 26.95 17.34 -12.71
N LEU A 204 27.93 18.21 -12.95
CA LEU A 204 27.94 19.55 -12.35
C LEU A 204 26.65 20.35 -12.53
N SER A 205 26.02 20.27 -13.70
CA SER A 205 24.81 21.04 -13.99
C SER A 205 23.63 20.65 -13.10
N THR A 206 23.68 19.44 -12.55
CA THR A 206 22.71 18.95 -11.55
C THR A 206 22.61 19.90 -10.35
N VAL A 207 23.74 20.47 -9.95
CA VAL A 207 23.79 21.33 -8.76
C VAL A 207 23.96 22.82 -9.12
N LYS A 208 23.61 23.17 -10.35
CA LYS A 208 23.80 24.52 -10.89
C LYS A 208 23.00 25.59 -10.15
N ASN A 209 21.90 25.19 -9.50
CA ASN A 209 21.06 26.14 -8.78
C ASN A 209 21.12 26.00 -7.26
N ALA A 210 22.13 25.27 -6.79
CA ALA A 210 22.41 25.15 -5.35
C ALA A 210 22.70 26.52 -4.78
N ASP A 211 22.36 26.71 -3.51
CA ASP A 211 22.69 27.96 -2.81
C ASP A 211 24.18 28.01 -2.54
N ARG A 212 24.79 26.84 -2.46
CA ARG A 212 26.22 26.70 -2.21
C ARG A 212 26.70 25.37 -2.78
N ILE A 213 27.86 25.39 -3.44
CA ILE A 213 28.48 24.16 -3.95
C ILE A 213 29.84 23.95 -3.30
N ILE A 214 30.02 22.77 -2.71
CA ILE A 214 31.27 22.38 -2.07
C ILE A 214 32.09 21.46 -2.96
N VAL A 215 33.37 21.80 -3.15
CA VAL A 215 34.28 20.99 -3.95
C VAL A 215 35.22 20.22 -3.02
N MET A 216 35.18 18.89 -3.14
CA MET A 216 36.06 18.02 -2.38
C MET A 216 37.29 17.60 -3.21
N GLU A 217 38.42 17.44 -2.54
CA GLU A 217 39.62 16.88 -3.15
C GLU A 217 40.50 16.31 -2.05
N LYS A 218 40.69 15.00 -2.10
CA LYS A 218 41.47 14.25 -1.11
C LYS A 218 41.06 14.58 0.33
N GLY A 219 39.78 14.38 0.62
CA GLY A 219 39.27 14.42 1.99
C GLY A 219 39.10 15.78 2.62
N LYS A 220 39.15 16.84 1.82
CA LYS A 220 38.95 18.20 2.31
C LYS A 220 38.27 19.14 1.31
N ILE A 221 37.62 20.16 1.85
CA ILE A 221 36.90 21.14 1.05
C ILE A 221 37.86 22.24 0.61
N VAL A 222 38.21 22.22 -0.67
CA VAL A 222 39.24 23.10 -1.22
C VAL A 222 38.62 24.34 -1.90
N GLU A 223 37.31 24.31 -2.15
CA GLU A 223 36.62 25.39 -2.86
C GLU A 223 35.15 25.48 -2.50
N GLN A 224 34.56 26.66 -2.72
CA GLN A 224 33.14 26.89 -2.42
C GLN A 224 32.60 28.24 -2.96
N GLY A 225 31.27 28.29 -3.09
CA GLY A 225 30.55 29.47 -3.57
C GLY A 225 29.35 29.03 -4.38
N LYS A 226 28.87 29.92 -5.24
CA LYS A 226 27.83 29.57 -6.20
C LYS A 226 28.47 29.04 -7.48
N HIS A 227 27.64 28.72 -8.47
CA HIS A 227 28.14 28.32 -9.79
C HIS A 227 29.06 29.40 -10.35
N LYS A 228 28.59 30.65 -10.29
CA LYS A 228 29.33 31.79 -10.81
C LYS A 228 30.60 32.10 -10.01
N GLU A 229 30.45 32.26 -8.69
CA GLU A 229 31.57 32.54 -7.78
C GLU A 229 32.72 31.55 -7.98
N LEU A 230 32.38 30.28 -8.18
CA LEU A 230 33.39 29.23 -8.42
C LEU A 230 33.97 29.26 -9.84
N LEU A 231 33.13 29.63 -10.80
CA LEU A 231 33.53 29.69 -12.22
C LEU A 231 34.28 30.99 -12.57
N SER A 232 34.35 31.91 -11.60
CA SER A 232 35.16 33.15 -11.75
C SER A 232 36.64 32.87 -11.60
N GLU A 233 37.00 31.91 -10.74
CA GLU A 233 38.39 31.47 -10.60
C GLU A 233 38.79 30.52 -11.73
N PRO A 234 39.75 30.94 -12.55
CA PRO A 234 40.17 30.15 -13.72
C PRO A 234 40.90 28.85 -13.35
N GLU A 235 41.80 28.92 -12.36
CA GLU A 235 42.60 27.76 -11.99
C GLU A 235 41.99 26.92 -10.86
N SER A 236 40.72 27.16 -10.56
CA SER A 236 40.02 26.38 -9.54
C SER A 236 39.63 25.01 -10.10
N LEU A 237 39.53 24.03 -9.21
CA LEU A 237 39.18 22.67 -9.58
C LEU A 237 37.79 22.61 -10.22
N TYR A 238 36.88 23.43 -9.71
CA TYR A 238 35.52 23.53 -10.23
C TYR A 238 35.51 23.93 -11.71
N SER A 239 36.31 24.92 -12.06
CA SER A 239 36.41 25.38 -13.45
C SER A 239 37.04 24.34 -14.36
N TYR A 240 37.96 23.55 -13.81
CA TYR A 240 38.61 22.45 -14.54
C TYR A 240 37.61 21.34 -14.84
N LEU A 241 36.81 20.99 -13.85
CA LEU A 241 35.77 19.99 -14.03
C LEU A 241 34.71 20.48 -15.01
N TYR A 242 34.28 21.73 -14.85
CA TYR A 242 33.30 22.32 -15.76
C TYR A 242 33.84 22.48 -17.19
N GLN A 243 35.11 22.88 -17.30
CA GLN A 243 35.79 23.02 -18.60
C GLN A 243 35.68 21.74 -19.43
N LEU A 244 35.71 20.58 -18.77
CA LEU A 244 35.56 19.29 -19.42
C LEU A 244 34.10 18.93 -19.70
N GLN A 245 33.88 18.29 -20.85
CA GLN A 245 32.55 17.80 -21.28
C GLN A 245 31.43 18.86 -21.31
N SER A 246 31.83 20.12 -21.30
CA SER A 246 30.97 21.21 -21.73
C SER A 246 31.37 21.52 -23.16
N ASP A 247 32.53 20.97 -23.54
CA ASP A 247 33.11 21.11 -24.87
C ASP A 247 32.49 20.11 -25.87
N ASP B 7 26.61 -5.32 -39.45
CA ASP B 7 27.02 -6.55 -38.72
C ASP B 7 25.99 -6.93 -37.66
N ILE B 8 25.83 -6.10 -36.62
CA ILE B 8 24.71 -6.26 -35.69
C ILE B 8 23.48 -5.62 -36.32
N THR B 9 22.48 -6.46 -36.59
CA THR B 9 21.34 -6.03 -37.37
C THR B 9 20.04 -6.08 -36.59
N PHE B 10 19.29 -4.99 -36.67
CA PHE B 10 17.91 -4.93 -36.25
C PHE B 10 17.09 -4.65 -37.49
N ARG B 11 16.24 -5.58 -37.88
CA ARG B 11 15.30 -5.35 -38.98
C ARG B 11 13.90 -5.76 -38.57
N ASN B 12 12.98 -4.82 -38.65
CA ASN B 12 11.54 -5.05 -38.41
C ASN B 12 11.23 -5.60 -37.02
N ILE B 13 11.95 -5.09 -36.01
CA ILE B 13 11.81 -5.60 -34.65
C ILE B 13 10.66 -4.95 -33.89
N ARG B 14 9.66 -5.76 -33.55
CA ARG B 14 8.68 -5.39 -32.54
C ARG B 14 8.89 -6.21 -31.27
N PHE B 15 9.00 -5.51 -30.15
CA PHE B 15 9.21 -6.17 -28.87
C PHE B 15 8.28 -5.72 -27.75
N ARG B 16 7.65 -6.70 -27.11
CA ARG B 16 6.99 -6.54 -25.84
C ARG B 16 7.57 -7.60 -24.91
N TYR B 17 7.58 -7.34 -23.61
CA TYR B 17 8.06 -8.34 -22.64
C TYR B 17 7.07 -9.49 -22.49
N LYS B 18 6.04 -9.30 -21.68
CA LYS B 18 4.96 -10.28 -21.53
C LYS B 18 4.05 -10.23 -22.76
N PRO B 19 3.26 -11.28 -22.99
CA PRO B 19 2.24 -11.25 -24.05
C PRO B 19 1.15 -10.21 -23.79
N ASP B 20 1.03 -9.76 -22.54
CA ASP B 20 0.07 -8.72 -22.16
C ASP B 20 0.75 -7.37 -21.94
N SER B 21 2.04 -7.30 -22.29
CA SER B 21 2.81 -6.07 -22.23
C SER B 21 2.42 -5.16 -23.39
N PRO B 22 2.48 -3.83 -23.17
CA PRO B 22 2.46 -2.87 -24.28
C PRO B 22 3.66 -3.05 -25.21
N VAL B 23 3.50 -2.69 -26.48
CA VAL B 23 4.62 -2.70 -27.42
C VAL B 23 5.64 -1.68 -26.94
N ILE B 24 6.88 -2.13 -26.74
CA ILE B 24 7.94 -1.28 -26.22
C ILE B 24 8.97 -0.89 -27.28
N LEU B 25 9.12 -1.73 -28.30
CA LEU B 25 9.96 -1.41 -29.45
C LEU B 25 9.17 -1.66 -30.73
N ASP B 26 8.62 -0.60 -31.31
CA ASP B 26 7.79 -0.76 -32.50
C ASP B 26 8.59 -0.55 -33.78
N ASN B 27 8.79 -1.64 -34.51
CA ASN B 27 9.45 -1.66 -35.82
C ASN B 27 10.76 -0.87 -35.90
N ILE B 28 11.72 -1.26 -35.06
CA ILE B 28 13.06 -0.66 -35.13
C ILE B 28 13.89 -1.30 -36.23
N ASN B 29 14.67 -0.46 -36.92
CA ASN B 29 15.64 -0.90 -37.92
C ASN B 29 16.99 -0.23 -37.69
N LEU B 30 18.02 -1.05 -37.50
CA LEU B 30 19.32 -0.56 -37.07
C LEU B 30 20.44 -1.49 -37.52
N SER B 31 21.56 -0.89 -37.93
CA SER B 31 22.74 -1.66 -38.31
C SER B 31 24.01 -1.06 -37.73
N ILE B 32 24.71 -1.85 -36.92
CA ILE B 32 25.98 -1.48 -36.33
C ILE B 32 27.07 -2.42 -36.85
N LYS B 33 28.22 -1.86 -37.22
CA LYS B 33 29.32 -2.65 -37.74
C LYS B 33 30.50 -2.77 -36.77
N GLN B 34 31.28 -3.84 -36.94
CA GLN B 34 32.47 -4.11 -36.14
C GLN B 34 33.43 -2.91 -36.08
N GLY B 35 33.82 -2.53 -34.87
CA GLY B 35 34.75 -1.42 -34.66
C GLY B 35 34.08 -0.11 -34.34
N GLU B 36 32.75 -0.12 -34.33
CA GLU B 36 31.97 1.10 -34.19
C GLU B 36 31.63 1.37 -32.73
N VAL B 37 31.67 2.65 -32.36
CA VAL B 37 31.25 3.13 -31.05
C VAL B 37 29.90 3.81 -31.21
N ILE B 38 28.91 3.36 -30.44
CA ILE B 38 27.51 3.73 -30.65
C ILE B 38 26.93 4.37 -29.40
N GLY B 39 26.34 5.54 -29.57
CA GLY B 39 25.66 6.21 -28.48
C GLY B 39 24.17 6.01 -28.57
N ILE B 40 23.52 5.89 -27.42
CA ILE B 40 22.07 5.80 -27.37
C ILE B 40 21.57 6.77 -26.32
N VAL B 41 20.73 7.71 -26.73
CA VAL B 41 20.16 8.68 -25.80
C VAL B 41 18.64 8.76 -25.96
N GLY B 42 17.99 9.43 -25.02
CA GLY B 42 16.55 9.54 -24.99
C GLY B 42 16.09 9.59 -23.55
N ARG B 43 14.86 10.06 -23.35
CA ARG B 43 14.29 10.24 -22.01
C ARG B 43 14.24 8.92 -21.22
N SER B 44 14.08 9.02 -19.91
CA SER B 44 13.83 7.82 -19.11
C SER B 44 12.56 7.10 -19.60
N GLY B 45 12.68 5.79 -19.82
CA GLY B 45 11.56 4.98 -20.26
C GLY B 45 11.42 4.90 -21.78
N SER B 46 12.32 5.57 -22.50
CA SER B 46 12.27 5.66 -23.95
C SER B 46 12.53 4.32 -24.65
N GLY B 47 13.28 3.43 -24.03
CA GLY B 47 13.54 2.11 -24.58
C GLY B 47 14.99 1.74 -24.82
N LYS B 48 15.90 2.44 -24.16
CA LYS B 48 17.35 2.28 -24.37
C LYS B 48 17.89 0.90 -23.95
N SER B 49 17.73 0.57 -22.66
CA SER B 49 18.17 -0.73 -22.14
C SER B 49 17.49 -1.91 -22.83
N THR B 50 16.21 -1.73 -23.21
CA THR B 50 15.46 -2.79 -23.87
C THR B 50 16.09 -3.18 -25.20
N LEU B 51 16.66 -2.19 -25.90
CA LEU B 51 17.32 -2.41 -27.17
C LEU B 51 18.61 -3.22 -27.03
N THR B 52 19.25 -3.11 -25.88
CA THR B 52 20.51 -3.82 -25.62
C THR B 52 20.26 -5.25 -25.11
N LYS B 53 19.06 -5.48 -24.57
CA LYS B 53 18.71 -6.78 -24.01
C LYS B 53 18.44 -7.83 -25.08
N LEU B 54 18.10 -7.36 -26.28
CA LEU B 54 17.84 -8.22 -27.42
C LEU B 54 19.14 -8.76 -28.00
N ILE B 55 20.22 -8.01 -27.83
CA ILE B 55 21.55 -8.46 -28.18
C ILE B 55 21.97 -9.62 -27.26
N GLN B 56 21.50 -9.60 -26.02
CA GLN B 56 21.81 -10.63 -25.04
C GLN B 56 20.89 -11.84 -25.14
N ARG B 57 19.84 -11.71 -25.94
CA ARG B 57 18.77 -12.70 -26.08
C ARG B 57 18.28 -13.19 -24.72
N PHE B 58 18.05 -12.24 -23.82
CA PHE B 58 17.30 -12.51 -22.61
C PHE B 58 15.88 -12.91 -23.03
N TYR B 59 15.40 -12.28 -24.11
CA TYR B 59 14.08 -12.50 -24.70
C TYR B 59 14.19 -12.33 -26.21
N ILE B 60 13.27 -12.95 -26.93
CA ILE B 60 13.23 -12.84 -28.39
C ILE B 60 12.06 -11.99 -28.88
N PRO B 61 12.26 -11.28 -30.00
CA PRO B 61 11.23 -10.38 -30.53
C PRO B 61 10.12 -11.16 -31.22
N GLU B 62 8.91 -10.62 -31.17
CA GLU B 62 7.76 -11.23 -31.84
C GLU B 62 7.77 -10.99 -33.35
N ASN B 63 8.44 -9.92 -33.76
CA ASN B 63 8.60 -9.57 -35.17
C ASN B 63 10.06 -9.28 -35.52
N GLY B 64 10.46 -9.61 -36.74
CA GLY B 64 11.82 -9.38 -37.23
C GLY B 64 12.86 -10.28 -36.61
N GLN B 65 14.13 -10.00 -36.90
CA GLN B 65 15.24 -10.75 -36.31
C GLN B 65 16.35 -9.83 -35.78
N VAL B 66 17.12 -10.34 -34.83
CA VAL B 66 18.35 -9.71 -34.39
C VAL B 66 19.50 -10.57 -34.87
N LEU B 67 20.43 -9.97 -35.60
CA LEU B 67 21.53 -10.69 -36.21
C LEU B 67 22.87 -10.20 -35.71
N ILE B 68 23.71 -11.13 -35.27
CA ILE B 68 25.10 -10.82 -34.95
C ILE B 68 25.99 -11.53 -35.95
N ASP B 69 26.80 -10.74 -36.66
CA ASP B 69 27.69 -11.24 -37.71
C ASP B 69 26.97 -12.32 -38.52
N GLY B 70 25.80 -11.97 -39.06
CA GLY B 70 25.00 -12.89 -39.87
C GLY B 70 24.06 -13.82 -39.11
N HIS B 71 24.48 -14.26 -37.92
CA HIS B 71 23.73 -15.26 -37.14
C HIS B 71 22.50 -14.70 -36.44
N ASP B 72 21.33 -15.25 -36.76
CA ASP B 72 20.11 -14.98 -36.00
C ASP B 72 20.26 -15.62 -34.62
N LEU B 73 19.79 -14.91 -33.60
CA LEU B 73 19.97 -15.33 -32.21
C LEU B 73 19.05 -16.49 -31.82
N ALA B 74 18.02 -16.73 -32.62
CA ALA B 74 17.14 -17.87 -32.43
C ALA B 74 17.80 -19.18 -32.88
N LEU B 75 18.95 -19.06 -33.54
CA LEU B 75 19.72 -20.21 -34.02
C LEU B 75 20.92 -20.54 -33.14
N ALA B 76 21.52 -19.50 -32.56
CA ALA B 76 22.82 -19.60 -31.89
C ALA B 76 22.82 -20.39 -30.59
N ASP B 77 24.00 -20.86 -30.22
CA ASP B 77 24.27 -21.48 -28.92
C ASP B 77 24.33 -20.39 -27.83
N PRO B 78 23.57 -20.56 -26.73
CA PRO B 78 23.46 -19.54 -25.69
C PRO B 78 24.76 -19.27 -24.94
N ASN B 79 25.58 -20.31 -24.75
CA ASN B 79 26.90 -20.16 -24.14
C ASN B 79 27.80 -19.29 -25.03
N TRP B 80 27.70 -19.51 -26.34
CA TRP B 80 28.41 -18.73 -27.34
C TRP B 80 28.01 -17.26 -27.26
N LEU B 81 26.72 -17.01 -27.10
CA LEU B 81 26.19 -15.64 -27.04
C LEU B 81 26.64 -14.88 -25.78
N ARG B 82 26.63 -15.55 -24.63
CA ARG B 82 27.10 -14.94 -23.38
C ARG B 82 28.58 -14.57 -23.47
N ARG B 83 29.33 -15.35 -24.24
CA ARG B 83 30.75 -15.07 -24.50
C ARG B 83 30.91 -13.85 -25.40
N GLN B 84 29.85 -13.52 -26.13
CA GLN B 84 29.91 -12.49 -27.17
C GLN B 84 29.73 -11.09 -26.61
N VAL B 85 28.81 -10.94 -25.66
CA VAL B 85 28.41 -9.63 -25.15
C VAL B 85 28.71 -9.47 -23.67
N GLY B 86 29.51 -8.45 -23.35
CA GLY B 86 29.80 -8.07 -21.97
C GLY B 86 29.11 -6.74 -21.67
N VAL B 87 28.36 -6.72 -20.58
CA VAL B 87 27.61 -5.52 -20.18
C VAL B 87 28.16 -5.01 -18.87
N VAL B 88 28.39 -3.70 -18.83
CA VAL B 88 28.71 -2.98 -17.60
C VAL B 88 27.52 -2.08 -17.30
N LEU B 89 26.88 -2.29 -16.16
CA LEU B 89 25.72 -1.51 -15.73
C LEU B 89 26.17 -0.36 -14.83
N GLN B 90 25.22 0.47 -14.37
CA GLN B 90 25.51 1.60 -13.48
C GLN B 90 26.05 1.13 -12.14
N ASP B 91 25.51 0.03 -11.64
CA ASP B 91 25.87 -0.47 -10.32
C ASP B 91 26.57 -1.82 -10.40
N ASN B 92 27.64 -1.98 -9.62
CA ASN B 92 28.39 -3.22 -9.60
C ASN B 92 28.82 -3.67 -8.20
N VAL B 93 28.44 -4.89 -7.85
CA VAL B 93 28.93 -5.52 -6.62
C VAL B 93 30.21 -6.27 -7.00
N LEU B 94 31.25 -6.10 -6.19
CA LEU B 94 32.48 -6.86 -6.37
C LEU B 94 32.58 -7.98 -5.33
N LEU B 95 33.19 -9.09 -5.73
CA LEU B 95 33.36 -10.23 -4.83
C LEU B 95 34.39 -9.93 -3.74
N ASN B 96 34.14 -10.46 -2.55
CA ASN B 96 35.02 -10.23 -1.41
C ASN B 96 36.37 -10.97 -1.48
N ARG B 97 37.15 -10.61 -2.49
CA ARG B 97 38.57 -10.97 -2.58
C ARG B 97 39.37 -9.83 -3.21
N SER B 98 40.61 -10.11 -3.61
CA SER B 98 41.53 -9.05 -4.06
C SER B 98 41.09 -8.40 -5.37
N ILE B 99 41.62 -7.21 -5.63
CA ILE B 99 41.31 -6.48 -6.85
C ILE B 99 41.80 -7.21 -8.09
N ILE B 100 43.07 -7.63 -8.08
CA ILE B 100 43.62 -8.38 -9.21
C ILE B 100 42.76 -9.60 -9.53
N ASP B 101 42.27 -10.27 -8.50
CA ASP B 101 41.36 -11.41 -8.66
C ASP B 101 39.98 -10.99 -9.16
N ASN B 102 39.55 -9.78 -8.78
CA ASN B 102 38.25 -9.26 -9.19
C ASN B 102 38.20 -8.87 -10.66
N ILE B 103 39.30 -8.32 -11.15
CA ILE B 103 39.45 -7.96 -12.56
C ILE B 103 39.63 -9.21 -13.43
N SER B 104 40.30 -10.25 -12.88
CA SER B 104 40.57 -11.50 -13.61
C SER B 104 39.43 -12.52 -13.48
N LEU B 105 38.21 -12.09 -13.75
CA LEU B 105 37.06 -12.98 -13.66
C LEU B 105 37.08 -14.03 -14.77
N ALA B 106 37.13 -13.55 -16.02
CA ALA B 106 37.07 -14.41 -17.21
C ALA B 106 38.29 -15.28 -17.37
N ASN B 107 39.47 -14.72 -17.15
CA ASN B 107 40.71 -15.49 -17.24
C ASN B 107 41.52 -15.49 -15.94
N PRO B 108 41.16 -16.38 -15.02
CA PRO B 108 41.95 -16.57 -13.79
C PRO B 108 43.24 -17.31 -14.11
N GLY B 109 44.34 -16.56 -14.18
CA GLY B 109 45.65 -17.10 -14.54
C GLY B 109 46.27 -16.35 -15.70
N MET B 110 46.08 -15.03 -15.71
CA MET B 110 46.59 -14.15 -16.76
C MET B 110 47.65 -13.18 -16.21
N SER B 111 48.66 -12.90 -17.03
CA SER B 111 49.79 -12.05 -16.62
C SER B 111 49.36 -10.70 -16.03
N VAL B 112 50.13 -10.27 -15.04
CA VAL B 112 49.84 -9.09 -14.24
C VAL B 112 49.77 -7.79 -15.07
N GLU B 113 50.70 -7.63 -16.01
CA GLU B 113 50.73 -6.41 -16.84
C GLU B 113 49.52 -6.28 -17.76
N LYS B 114 48.91 -7.42 -18.10
CA LYS B 114 47.66 -7.41 -18.85
C LYS B 114 46.52 -6.87 -17.99
N VAL B 115 46.53 -7.21 -16.71
CA VAL B 115 45.57 -6.65 -15.73
C VAL B 115 45.80 -5.14 -15.55
N ILE B 116 47.04 -4.74 -15.32
CA ILE B 116 47.43 -3.33 -15.21
C ILE B 116 46.89 -2.53 -16.40
N TYR B 117 47.22 -3.00 -17.59
CA TYR B 117 46.86 -2.33 -18.83
C TYR B 117 45.36 -2.07 -18.93
N ALA B 118 44.55 -3.05 -18.52
CA ALA B 118 43.09 -2.90 -18.53
C ALA B 118 42.64 -1.91 -17.49
N ALA B 119 43.30 -1.94 -16.33
CA ALA B 119 43.06 -0.99 -15.27
C ALA B 119 43.47 0.43 -15.64
N LYS B 120 44.51 0.56 -16.46
CA LYS B 120 44.95 1.86 -16.97
C LYS B 120 43.87 2.45 -17.89
N LEU B 121 43.33 1.61 -18.76
CA LEU B 121 42.32 2.01 -19.73
C LEU B 121 41.04 2.48 -19.03
N ALA B 122 40.83 1.98 -17.82
CA ALA B 122 39.64 2.27 -17.04
C ALA B 122 39.85 3.48 -16.14
N GLY B 123 41.10 3.92 -16.02
CA GLY B 123 41.48 5.01 -15.10
C GLY B 123 41.49 4.56 -13.64
N ALA B 124 41.75 3.27 -13.42
CA ALA B 124 41.72 2.68 -12.09
C ALA B 124 43.12 2.41 -11.55
N HIS B 125 44.10 2.33 -12.45
CA HIS B 125 45.47 2.01 -12.07
C HIS B 125 46.03 2.95 -10.97
N ASP B 126 45.80 4.24 -11.12
CA ASP B 126 46.35 5.22 -10.19
C ASP B 126 45.93 5.01 -8.74
N PHE B 127 44.61 5.04 -8.46
CA PHE B 127 44.13 4.91 -7.08
C PHE B 127 44.45 3.55 -6.42
N ILE B 128 44.49 2.49 -7.22
CA ILE B 128 44.85 1.18 -6.68
C ILE B 128 46.33 1.08 -6.32
N SER B 129 47.18 1.70 -7.13
CA SER B 129 48.62 1.74 -6.82
C SER B 129 48.86 2.58 -5.58
N GLU B 130 47.97 3.55 -5.35
CA GLU B 130 47.98 4.34 -4.13
C GLU B 130 47.48 3.56 -2.91
N LEU B 131 46.70 2.52 -3.15
CA LEU B 131 46.21 1.64 -2.07
C LEU B 131 47.36 0.86 -1.43
N ARG B 132 47.20 0.59 -0.14
CA ARG B 132 48.22 -0.09 0.67
C ARG B 132 48.88 -1.26 -0.06
N GLU B 133 48.09 -2.21 -0.54
CA GLU B 133 48.62 -3.44 -1.13
C GLU B 133 48.84 -3.37 -2.64
N GLY B 134 48.13 -2.45 -3.30
CA GLY B 134 48.28 -2.24 -4.74
C GLY B 134 48.04 -3.46 -5.60
N TYR B 135 46.79 -3.64 -6.02
CA TYR B 135 46.34 -4.78 -6.83
C TYR B 135 46.00 -6.02 -6.02
N ASN B 136 46.75 -6.22 -4.93
CA ASN B 136 46.52 -7.35 -4.04
C ASN B 136 45.62 -6.99 -2.85
N THR B 137 45.11 -5.76 -2.86
CA THR B 137 44.22 -5.28 -1.80
C THR B 137 42.90 -6.05 -1.82
N ILE B 138 42.49 -6.55 -0.66
CA ILE B 138 41.22 -7.25 -0.49
C ILE B 138 40.07 -6.25 -0.49
N VAL B 139 39.07 -6.49 -1.34
CA VAL B 139 37.95 -5.58 -1.52
C VAL B 139 36.69 -6.05 -0.81
N GLY B 140 36.34 -5.36 0.27
CA GLY B 140 35.11 -5.63 1.03
C GLY B 140 35.05 -6.99 1.70
N GLU B 141 34.09 -7.15 2.60
CA GLU B 141 33.79 -8.44 3.21
C GLU B 141 32.46 -8.97 2.67
N GLN B 142 31.74 -8.10 1.96
CA GLN B 142 30.52 -8.43 1.24
C GLN B 142 30.33 -7.47 0.05
N GLY B 143 29.56 -6.40 0.27
CA GLY B 143 29.21 -5.45 -0.78
C GLY B 143 30.32 -4.50 -1.24
N ALA B 144 31.57 -4.96 -1.17
CA ALA B 144 32.73 -4.26 -1.74
C ALA B 144 32.91 -2.79 -1.30
N GLY B 145 33.27 -2.60 -0.03
CA GLY B 145 33.38 -1.26 0.56
C GLY B 145 34.51 -0.35 0.09
N LEU B 146 34.54 -0.05 -1.20
CA LEU B 146 35.36 1.04 -1.75
C LEU B 146 34.45 2.25 -1.95
N SER B 147 34.78 3.10 -2.93
CA SER B 147 33.85 4.15 -3.34
C SER B 147 33.12 3.74 -4.62
N GLY B 148 31.91 4.27 -4.81
CA GLY B 148 31.09 3.99 -5.98
C GLY B 148 31.86 4.08 -7.29
N GLY B 149 32.56 5.18 -7.49
CA GLY B 149 33.32 5.39 -8.72
C GLY B 149 34.51 4.45 -8.84
N GLN B 150 35.18 4.20 -7.72
CA GLN B 150 36.26 3.25 -7.70
C GLN B 150 35.77 1.85 -8.11
N ARG B 151 34.66 1.40 -7.52
CA ARG B 151 34.06 0.10 -7.82
C ARG B 151 33.66 -0.02 -9.29
N GLN B 152 33.14 1.08 -9.83
CA GLN B 152 32.71 1.14 -11.21
C GLN B 152 33.85 0.99 -12.21
N ARG B 153 34.98 1.62 -11.93
CA ARG B 153 36.15 1.56 -12.81
C ARG B 153 36.80 0.19 -12.78
N ILE B 154 36.74 -0.46 -11.62
CA ILE B 154 37.22 -1.84 -11.47
C ILE B 154 36.36 -2.78 -12.32
N ALA B 155 35.05 -2.53 -12.34
CA ALA B 155 34.11 -3.31 -13.14
C ALA B 155 34.35 -3.13 -14.64
N ILE B 156 34.78 -1.93 -15.02
CA ILE B 156 35.09 -1.63 -16.42
C ILE B 156 36.36 -2.36 -16.84
N ALA B 157 37.38 -2.26 -15.98
CA ALA B 157 38.61 -3.02 -16.17
C ALA B 157 38.27 -4.50 -16.34
N ARG B 158 37.45 -5.02 -15.43
CA ARG B 158 37.04 -6.42 -15.44
C ARG B 158 36.40 -6.83 -16.76
N ALA B 159 35.47 -6.00 -17.26
CA ALA B 159 34.80 -6.27 -18.53
C ALA B 159 35.79 -6.29 -19.70
N LEU B 160 36.75 -5.37 -19.70
CA LEU B 160 37.83 -5.36 -20.68
C LEU B 160 38.66 -6.65 -20.66
N VAL B 161 38.87 -7.18 -19.46
CA VAL B 161 39.56 -8.47 -19.27
C VAL B 161 38.69 -9.65 -19.75
N ASN B 162 37.38 -9.59 -19.49
CA ASN B 162 36.43 -10.55 -20.06
C ASN B 162 36.59 -10.62 -21.59
N ASN B 163 36.88 -9.46 -22.17
CA ASN B 163 37.22 -9.31 -23.60
C ASN B 163 36.13 -9.80 -24.56
N PRO B 164 34.97 -9.14 -24.55
CA PRO B 164 33.88 -9.49 -25.44
C PRO B 164 34.03 -8.86 -26.83
N LYS B 165 33.31 -9.40 -27.81
CA LYS B 165 33.26 -8.82 -29.15
C LYS B 165 32.36 -7.59 -29.12
N ILE B 166 31.43 -7.56 -28.17
CA ILE B 166 30.52 -6.44 -28.00
C ILE B 166 30.49 -6.00 -26.54
N LEU B 167 30.81 -4.74 -26.31
CA LEU B 167 30.87 -4.19 -24.97
C LEU B 167 29.80 -3.11 -24.79
N ILE B 168 28.92 -3.33 -23.82
CA ILE B 168 27.83 -2.40 -23.53
C ILE B 168 28.05 -1.65 -22.22
N PHE B 169 27.97 -0.32 -22.29
CA PHE B 169 27.99 0.53 -21.12
C PHE B 169 26.58 1.07 -20.87
N ASP B 170 25.98 0.65 -19.76
CA ASP B 170 24.63 1.07 -19.45
C ASP B 170 24.66 2.10 -18.32
N GLU B 171 24.79 3.37 -18.69
CA GLU B 171 24.94 4.47 -17.73
C GLU B 171 26.11 4.15 -16.80
N ALA B 172 27.10 3.44 -17.35
CA ALA B 172 28.25 2.96 -16.59
C ALA B 172 29.07 4.09 -15.99
N THR B 173 29.10 5.24 -16.66
CA THR B 173 29.95 6.34 -16.25
C THR B 173 29.14 7.54 -15.74
N SER B 174 27.82 7.39 -15.71
CA SER B 174 26.90 8.45 -15.30
C SER B 174 27.05 8.92 -13.83
N ALA B 175 27.68 8.11 -12.98
CA ALA B 175 27.99 8.50 -11.60
C ALA B 175 29.49 8.74 -11.40
N LEU B 176 30.18 8.90 -12.51
CA LEU B 176 31.62 9.13 -12.49
C LEU B 176 31.90 10.60 -12.77
N ASP B 177 32.89 11.15 -12.08
CA ASP B 177 33.25 12.55 -12.26
C ASP B 177 33.78 12.79 -13.68
N TYR B 178 33.68 14.04 -14.12
CA TYR B 178 34.01 14.40 -15.50
C TYR B 178 35.42 13.98 -15.93
N GLU B 179 36.38 14.11 -15.02
CA GLU B 179 37.77 13.74 -15.31
C GLU B 179 37.93 12.23 -15.51
N SER B 180 37.28 11.44 -14.66
CA SER B 180 37.29 9.99 -14.78
C SER B 180 36.54 9.51 -16.02
N GLU B 181 35.51 10.26 -16.43
CA GLU B 181 34.78 9.90 -17.63
C GLU B 181 35.62 10.25 -18.85
N HIS B 182 36.19 11.46 -18.83
CA HIS B 182 37.15 11.93 -19.84
C HIS B 182 38.21 10.87 -20.10
N VAL B 183 38.95 10.50 -19.05
CA VAL B 183 40.01 9.50 -19.15
C VAL B 183 39.52 8.26 -19.93
N ILE B 184 38.40 7.69 -19.49
CA ILE B 184 37.81 6.53 -20.14
C ILE B 184 37.44 6.80 -21.59
N MET B 185 36.77 7.91 -21.85
CA MET B 185 36.34 8.26 -23.21
C MET B 185 37.51 8.62 -24.13
N ARG B 186 38.57 9.18 -23.55
CA ARG B 186 39.80 9.43 -24.28
C ARG B 186 40.55 8.12 -24.58
N ASN B 187 40.30 7.10 -23.76
CA ASN B 187 40.84 5.75 -23.95
C ASN B 187 40.04 4.89 -24.93
N MET B 188 38.93 5.44 -25.44
CA MET B 188 37.98 4.65 -26.24
C MET B 188 38.54 4.07 -27.55
N HIS B 189 39.45 4.81 -28.20
CA HIS B 189 40.17 4.32 -29.38
C HIS B 189 40.82 2.97 -29.05
N LYS B 190 41.50 2.90 -27.92
CA LYS B 190 42.15 1.67 -27.44
C LYS B 190 41.14 0.61 -26.99
N ILE B 191 40.04 1.04 -26.39
CA ILE B 191 39.02 0.14 -25.85
C ILE B 191 38.21 -0.57 -26.94
N CYS B 192 37.91 0.14 -28.02
CA CYS B 192 37.03 -0.39 -29.07
C CYS B 192 37.76 -1.13 -30.20
N LYS B 193 39.07 -0.97 -30.29
CA LYS B 193 39.82 -1.64 -31.36
C LYS B 193 39.74 -3.16 -31.15
N GLY B 194 39.12 -3.84 -32.10
CA GLY B 194 38.87 -5.28 -32.02
C GLY B 194 37.49 -5.66 -31.49
N ARG B 195 36.62 -4.65 -31.32
CA ARG B 195 35.25 -4.86 -30.81
C ARG B 195 34.27 -3.74 -31.15
N THR B 196 33.00 -3.93 -30.78
CA THR B 196 31.96 -2.93 -30.94
C THR B 196 31.55 -2.42 -29.55
N VAL B 197 31.30 -1.12 -29.44
CA VAL B 197 30.95 -0.51 -28.16
C VAL B 197 29.62 0.25 -28.21
N ILE B 198 28.74 -0.04 -27.25
CA ILE B 198 27.47 0.66 -27.16
C ILE B 198 27.36 1.32 -25.79
N ILE B 199 27.07 2.63 -25.79
CA ILE B 199 27.00 3.46 -24.59
C ILE B 199 25.66 4.16 -24.50
N ILE B 200 24.91 3.92 -23.43
CA ILE B 200 23.55 4.46 -23.35
C ILE B 200 23.41 5.76 -22.52
N ALA B 201 24.53 6.36 -22.13
CA ALA B 201 24.56 7.64 -21.37
C ALA B 201 23.32 8.55 -21.39
N ALA B 202 22.99 9.09 -20.22
CA ALA B 202 21.93 10.11 -20.07
C ALA B 202 22.49 11.50 -20.32
N ARG B 203 23.79 11.62 -20.14
CA ARG B 203 24.55 12.84 -20.33
C ARG B 203 25.01 12.85 -21.79
N LEU B 204 24.39 13.72 -22.59
CA LEU B 204 24.62 13.73 -24.03
C LEU B 204 26.07 13.92 -24.47
N SER B 205 26.84 14.67 -23.69
CA SER B 205 28.22 15.00 -24.10
C SER B 205 29.16 13.80 -24.01
N THR B 206 28.76 12.81 -23.23
CA THR B 206 29.48 11.54 -23.10
C THR B 206 29.61 10.80 -24.44
N VAL B 207 28.54 10.78 -25.21
CA VAL B 207 28.52 10.05 -26.49
C VAL B 207 28.85 10.94 -27.70
N LYS B 208 29.36 12.15 -27.41
CA LYS B 208 29.60 13.18 -28.42
C LYS B 208 30.46 12.73 -29.60
N ASN B 209 31.48 11.92 -29.32
CA ASN B 209 32.44 11.50 -30.36
C ASN B 209 32.21 10.09 -30.90
N ALA B 210 31.03 9.54 -30.61
CA ALA B 210 30.65 8.22 -31.11
C ALA B 210 30.53 8.24 -32.64
N ASP B 211 30.82 7.11 -33.27
CA ASP B 211 30.68 6.96 -34.73
C ASP B 211 29.23 7.24 -35.15
N ARG B 212 28.29 6.89 -34.27
CA ARG B 212 26.86 7.12 -34.50
C ARG B 212 26.10 7.18 -33.18
N ILE B 213 25.14 8.09 -33.11
CA ILE B 213 24.28 8.23 -31.94
C ILE B 213 22.84 7.88 -32.33
N ILE B 214 22.20 7.03 -31.53
CA ILE B 214 20.80 6.66 -31.72
C ILE B 214 19.92 7.35 -30.69
N VAL B 215 18.86 7.99 -31.17
CA VAL B 215 17.95 8.77 -30.32
C VAL B 215 16.62 8.02 -30.12
N MET B 216 16.24 7.84 -28.86
CA MET B 216 15.02 7.11 -28.50
C MET B 216 13.89 8.00 -28.07
N GLU B 217 12.69 7.69 -28.55
CA GLU B 217 11.46 8.28 -28.04
C GLU B 217 10.32 7.26 -28.18
N LYS B 218 9.76 6.87 -27.04
CA LYS B 218 8.63 5.94 -26.98
C LYS B 218 8.82 4.64 -27.77
N GLY B 219 9.97 3.99 -27.56
CA GLY B 219 10.28 2.72 -28.22
C GLY B 219 10.73 2.77 -29.67
N LYS B 220 10.75 3.96 -30.27
CA LYS B 220 11.19 4.10 -31.65
C LYS B 220 12.48 4.92 -31.77
N ILE B 221 13.25 4.65 -32.82
CA ILE B 221 14.43 5.46 -33.17
C ILE B 221 13.96 6.64 -34.01
N VAL B 222 14.01 7.84 -33.42
CA VAL B 222 13.50 9.02 -34.10
C VAL B 222 14.58 9.68 -34.94
N GLU B 223 15.81 9.69 -34.42
CA GLU B 223 16.93 10.32 -35.10
C GLU B 223 18.17 9.42 -35.03
N GLN B 224 19.00 9.49 -36.05
CA GLN B 224 20.15 8.60 -36.18
C GLN B 224 21.22 9.25 -37.04
N GLY B 225 22.45 9.25 -36.54
CA GLY B 225 23.60 9.82 -37.26
C GLY B 225 24.67 10.38 -36.34
N LYS B 226 25.73 10.93 -36.94
CA LYS B 226 26.81 11.60 -36.19
C LYS B 226 26.29 12.83 -35.44
N HIS B 227 27.06 13.27 -34.44
CA HIS B 227 26.71 14.43 -33.62
C HIS B 227 26.39 15.68 -34.45
N LYS B 228 27.41 16.22 -35.11
CA LYS B 228 27.29 17.43 -35.92
C LYS B 228 26.12 17.38 -36.89
N GLU B 229 25.82 16.18 -37.37
CA GLU B 229 24.73 15.96 -38.32
C GLU B 229 23.36 16.08 -37.67
N LEU B 230 23.22 15.54 -36.45
CA LEU B 230 21.97 15.60 -35.71
C LEU B 230 21.74 16.98 -35.10
N LEU B 231 22.82 17.74 -34.94
CA LEU B 231 22.77 19.08 -34.38
C LEU B 231 22.38 20.10 -35.45
N SER B 232 22.58 19.73 -36.73
CA SER B 232 22.27 20.59 -37.87
C SER B 232 20.78 20.90 -37.99
N GLU B 233 19.96 19.88 -37.73
CA GLU B 233 18.51 20.03 -37.76
C GLU B 233 18.03 20.92 -36.62
N PRO B 234 17.17 21.90 -36.94
CA PRO B 234 16.75 22.92 -35.96
C PRO B 234 15.89 22.35 -34.85
N GLU B 235 14.78 21.72 -35.22
CA GLU B 235 13.82 21.21 -34.25
C GLU B 235 13.82 19.69 -34.16
N SER B 236 15.02 19.10 -34.24
CA SER B 236 15.19 17.68 -33.97
C SER B 236 15.27 17.48 -32.45
N LEU B 237 14.88 16.30 -31.99
CA LEU B 237 14.88 16.00 -30.56
C LEU B 237 16.28 16.06 -29.94
N TYR B 238 17.26 15.55 -30.68
CA TYR B 238 18.66 15.62 -30.27
C TYR B 238 19.08 17.07 -30.02
N SER B 239 18.74 17.95 -30.97
CA SER B 239 19.03 19.37 -30.90
C SER B 239 18.35 20.04 -29.71
N TYR B 240 17.11 19.64 -29.44
CA TYR B 240 16.39 20.12 -28.26
C TYR B 240 17.08 19.71 -26.95
N LEU B 241 17.52 18.46 -26.88
CA LEU B 241 18.15 17.92 -25.68
C LEU B 241 19.57 18.44 -25.46
N TYR B 242 20.26 18.77 -26.54
CA TYR B 242 21.61 19.33 -26.44
C TYR B 242 21.57 20.76 -25.89
N GLN B 243 20.64 21.57 -26.41
CA GLN B 243 20.37 22.90 -25.88
C GLN B 243 19.96 22.80 -24.42
N LEU B 244 19.11 21.81 -24.11
CA LEU B 244 18.72 21.52 -22.74
C LEU B 244 19.98 21.19 -21.96
N GLN B 245 20.34 22.09 -21.04
CA GLN B 245 21.59 22.04 -20.28
C GLN B 245 22.86 21.78 -21.12
N SER B 246 23.24 22.80 -21.88
CA SER B 246 24.54 22.81 -22.58
C SER B 246 25.56 23.57 -21.74
N ASP B 247 25.11 24.07 -20.60
CA ASP B 247 25.95 24.77 -19.64
C ASP B 247 25.57 24.36 -18.20
N ASP C 7 -44.79 -16.80 -6.76
CA ASP C 7 -44.85 -15.36 -7.15
C ASP C 7 -43.46 -14.70 -7.25
N ILE C 8 -42.45 -15.32 -6.63
CA ILE C 8 -41.04 -15.01 -6.91
C ILE C 8 -40.33 -16.29 -7.34
N THR C 9 -39.85 -16.32 -8.58
CA THR C 9 -39.33 -17.54 -9.17
C THR C 9 -37.87 -17.41 -9.65
N PHE C 10 -37.05 -18.38 -9.25
CA PHE C 10 -35.73 -18.57 -9.83
C PHE C 10 -35.76 -19.79 -10.73
N ARG C 11 -35.69 -19.56 -12.04
CA ARG C 11 -35.67 -20.64 -13.04
C ARG C 11 -34.25 -20.90 -13.54
N ASN C 12 -33.65 -22.00 -13.10
CA ASN C 12 -32.32 -22.45 -13.56
C ASN C 12 -31.23 -21.37 -13.55
N ILE C 13 -31.20 -20.59 -12.48
CA ILE C 13 -30.38 -19.39 -12.40
C ILE C 13 -28.87 -19.67 -12.30
N ARG C 14 -28.13 -19.08 -13.22
CA ARG C 14 -26.68 -19.06 -13.17
C ARG C 14 -26.20 -17.60 -13.21
N PHE C 15 -25.40 -17.23 -12.21
CA PHE C 15 -24.97 -15.83 -12.08
C PHE C 15 -23.52 -15.65 -11.61
N ARG C 16 -22.85 -14.72 -12.27
CA ARG C 16 -21.60 -14.14 -11.79
C ARG C 16 -21.67 -12.63 -12.01
N TYR C 17 -20.90 -11.88 -11.23
CA TYR C 17 -20.90 -10.41 -11.30
C TYR C 17 -20.27 -9.88 -12.58
N LYS C 18 -19.07 -10.39 -12.89
CA LYS C 18 -18.31 -9.97 -14.06
C LYS C 18 -18.07 -11.16 -15.00
N PRO C 19 -17.76 -10.88 -16.27
CA PRO C 19 -17.48 -11.94 -17.24
C PRO C 19 -16.41 -12.95 -16.80
N ASP C 20 -15.35 -12.48 -16.17
CA ASP C 20 -14.25 -13.34 -15.69
C ASP C 20 -14.45 -13.84 -14.25
N SER C 21 -15.50 -13.37 -13.58
CA SER C 21 -15.82 -13.81 -12.22
C SER C 21 -16.12 -15.31 -12.18
N PRO C 22 -15.68 -16.00 -11.12
CA PRO C 22 -16.04 -17.41 -10.93
C PRO C 22 -17.54 -17.50 -10.69
N VAL C 23 -18.18 -18.51 -11.30
CA VAL C 23 -19.63 -18.68 -11.18
C VAL C 23 -20.01 -18.72 -9.71
N ILE C 24 -20.76 -17.72 -9.27
CA ILE C 24 -21.14 -17.60 -7.87
C ILE C 24 -22.43 -18.36 -7.56
N LEU C 25 -23.46 -18.14 -8.37
CA LEU C 25 -24.73 -18.88 -8.21
C LEU C 25 -24.92 -19.77 -9.42
N ASP C 26 -25.15 -21.06 -9.20
CA ASP C 26 -25.34 -21.99 -10.31
C ASP C 26 -26.56 -22.89 -10.15
N ASN C 27 -27.32 -22.99 -11.25
CA ASN C 27 -28.59 -23.71 -11.33
C ASN C 27 -29.47 -23.64 -10.08
N ILE C 28 -29.78 -22.43 -9.63
CA ILE C 28 -30.67 -22.24 -8.48
C ILE C 28 -32.13 -22.32 -8.92
N ASN C 29 -32.91 -23.10 -8.18
CA ASN C 29 -34.35 -23.19 -8.42
C ASN C 29 -35.15 -22.92 -7.16
N LEU C 30 -35.86 -21.80 -7.16
CA LEU C 30 -36.64 -21.39 -5.99
C LEU C 30 -37.97 -20.74 -6.35
N SER C 31 -39.00 -21.06 -5.59
CA SER C 31 -40.29 -20.39 -5.72
C SER C 31 -40.75 -19.89 -4.35
N ILE C 32 -40.98 -18.59 -4.26
CA ILE C 32 -41.49 -17.98 -3.04
C ILE C 32 -42.89 -17.42 -3.31
N LYS C 33 -43.80 -17.62 -2.36
CA LYS C 33 -45.18 -17.17 -2.50
C LYS C 33 -45.43 -15.89 -1.69
N GLN C 34 -46.40 -15.09 -2.12
CA GLN C 34 -46.80 -13.89 -1.39
C GLN C 34 -47.32 -14.25 0.00
N GLY C 35 -46.93 -13.47 1.00
CA GLY C 35 -47.33 -13.72 2.39
C GLY C 35 -46.41 -14.68 3.11
N GLU C 36 -45.36 -15.12 2.41
CA GLU C 36 -44.43 -16.09 2.96
C GLU C 36 -43.24 -15.40 3.62
N VAL C 37 -42.89 -15.88 4.82
CA VAL C 37 -41.70 -15.40 5.52
C VAL C 37 -40.59 -16.43 5.28
N ILE C 38 -39.54 -15.97 4.60
CA ILE C 38 -38.48 -16.86 4.11
C ILE C 38 -37.18 -16.54 4.80
N GLY C 39 -36.60 -17.54 5.46
CA GLY C 39 -35.29 -17.40 6.03
C GLY C 39 -34.25 -17.89 5.04
N ILE C 40 -33.16 -17.15 4.93
CA ILE C 40 -31.98 -17.61 4.18
C ILE C 40 -30.80 -17.65 5.14
N VAL C 41 -30.07 -18.76 5.11
CA VAL C 41 -28.97 -18.96 6.04
C VAL C 41 -27.82 -19.70 5.32
N GLY C 42 -26.61 -19.53 5.84
CA GLY C 42 -25.43 -20.16 5.25
C GLY C 42 -24.13 -19.47 5.66
N ARG C 43 -23.01 -20.15 5.46
CA ARG C 43 -21.68 -19.63 5.80
C ARG C 43 -21.35 -18.32 5.09
N SER C 44 -20.46 -17.52 5.67
CA SER C 44 -20.02 -16.28 5.04
C SER C 44 -19.54 -16.57 3.63
N GLY C 45 -20.15 -15.90 2.66
CA GLY C 45 -19.82 -16.09 1.25
C GLY C 45 -20.50 -17.29 0.61
N SER C 46 -21.65 -17.70 1.15
CA SER C 46 -22.40 -18.81 0.58
C SER C 46 -23.32 -18.34 -0.56
N GLY C 47 -23.63 -17.05 -0.58
CA GLY C 47 -24.41 -16.46 -1.67
C GLY C 47 -25.79 -15.91 -1.30
N LYS C 48 -26.01 -15.72 0.00
CA LYS C 48 -27.28 -15.20 0.50
C LYS C 48 -27.61 -13.82 -0.11
N SER C 49 -26.69 -12.86 0.04
CA SER C 49 -26.91 -11.51 -0.47
C SER C 49 -27.12 -11.50 -1.98
N THR C 50 -26.21 -12.13 -2.72
CA THR C 50 -26.31 -12.21 -4.18
C THR C 50 -27.70 -12.69 -4.62
N LEU C 51 -28.19 -13.74 -3.96
CA LEU C 51 -29.52 -14.30 -4.21
C LEU C 51 -30.63 -13.24 -4.14
N THR C 52 -30.52 -12.31 -3.20
CA THR C 52 -31.53 -11.27 -3.03
C THR C 52 -31.34 -10.10 -4.02
N LYS C 53 -30.10 -9.91 -4.46
CA LYS C 53 -29.76 -8.87 -5.42
C LYS C 53 -30.46 -9.08 -6.76
N LEU C 54 -30.56 -10.34 -7.17
CA LEU C 54 -31.21 -10.72 -8.43
C LEU C 54 -32.71 -10.45 -8.44
N ILE C 55 -33.26 -10.21 -7.26
CA ILE C 55 -34.68 -9.88 -7.08
C ILE C 55 -34.90 -8.38 -7.23
N GLN C 56 -33.82 -7.61 -7.07
CA GLN C 56 -33.84 -6.17 -7.25
C GLN C 56 -33.36 -5.82 -8.65
N ARG C 57 -32.89 -6.85 -9.37
CA ARG C 57 -32.24 -6.71 -10.68
C ARG C 57 -31.25 -5.56 -10.64
N PHE C 58 -30.27 -5.69 -9.75
CA PHE C 58 -29.13 -4.81 -9.74
C PHE C 58 -28.33 -5.09 -11.02
N TYR C 59 -28.26 -6.38 -11.37
CA TYR C 59 -27.70 -6.85 -12.66
C TYR C 59 -28.43 -8.11 -13.16
N ILE C 60 -27.94 -8.67 -14.26
CA ILE C 60 -28.66 -9.67 -15.05
C ILE C 60 -27.96 -11.04 -15.10
N PRO C 61 -28.71 -12.12 -14.89
CA PRO C 61 -28.15 -13.48 -14.96
C PRO C 61 -27.79 -13.87 -16.39
N GLU C 62 -26.75 -14.69 -16.53
CA GLU C 62 -26.31 -15.16 -17.84
C GLU C 62 -27.11 -16.37 -18.32
N ASN C 63 -27.69 -17.09 -17.36
CA ASN C 63 -28.50 -18.27 -17.65
C ASN C 63 -29.70 -18.32 -16.73
N GLY C 64 -30.87 -18.61 -17.29
CA GLY C 64 -32.10 -18.71 -16.53
C GLY C 64 -32.85 -17.40 -16.37
N GLN C 65 -33.93 -17.45 -15.60
CA GLN C 65 -34.81 -16.30 -15.42
C GLN C 65 -35.14 -16.03 -13.97
N VAL C 66 -35.40 -14.77 -13.66
CA VAL C 66 -36.00 -14.36 -12.38
C VAL C 66 -37.35 -13.71 -12.66
N LEU C 67 -38.41 -14.25 -12.05
CA LEU C 67 -39.75 -13.72 -12.26
C LEU C 67 -40.38 -13.22 -10.96
N ILE C 68 -41.03 -12.06 -11.03
CA ILE C 68 -41.88 -11.60 -9.94
C ILE C 68 -43.31 -11.48 -10.45
N ASP C 69 -44.23 -12.16 -9.76
CA ASP C 69 -45.65 -12.20 -10.09
C ASP C 69 -45.88 -12.56 -11.57
N GLY C 70 -44.99 -13.41 -12.10
CA GLY C 70 -45.09 -13.86 -13.50
C GLY C 70 -44.45 -12.92 -14.51
N HIS C 71 -43.72 -11.93 -14.03
CA HIS C 71 -43.00 -11.01 -14.90
C HIS C 71 -41.51 -11.28 -14.84
N ASP C 72 -40.90 -11.50 -16.01
CA ASP C 72 -39.46 -11.69 -16.12
C ASP C 72 -38.72 -10.36 -15.94
N LEU C 73 -37.90 -10.29 -14.90
CA LEU C 73 -37.21 -9.07 -14.50
C LEU C 73 -36.24 -8.56 -15.57
N ALA C 74 -35.78 -9.49 -16.42
CA ALA C 74 -34.86 -9.16 -17.51
C ALA C 74 -35.49 -8.21 -18.54
N LEU C 75 -36.81 -8.05 -18.47
CA LEU C 75 -37.54 -7.19 -19.40
C LEU C 75 -38.71 -6.46 -18.75
N ALA C 76 -38.81 -6.55 -17.43
CA ALA C 76 -39.84 -5.83 -16.67
C ALA C 76 -39.51 -4.33 -16.64
N ASP C 77 -40.54 -3.51 -16.45
CA ASP C 77 -40.37 -2.06 -16.32
C ASP C 77 -39.49 -1.73 -15.11
N PRO C 78 -38.42 -0.96 -15.33
CA PRO C 78 -37.40 -0.71 -14.30
C PRO C 78 -37.95 0.02 -13.08
N ASN C 79 -38.81 1.01 -13.30
CA ASN C 79 -39.46 1.74 -12.21
C ASN C 79 -40.33 0.83 -11.36
N TRP C 80 -41.26 0.11 -12.01
CA TRP C 80 -42.13 -0.88 -11.36
C TRP C 80 -41.37 -1.83 -10.42
N LEU C 81 -40.22 -2.32 -10.87
CA LEU C 81 -39.41 -3.25 -10.10
C LEU C 81 -38.78 -2.62 -8.86
N ARG C 82 -38.48 -1.33 -8.95
CA ARG C 82 -37.93 -0.57 -7.83
C ARG C 82 -38.95 -0.39 -6.71
N ARG C 83 -40.22 -0.21 -7.09
CA ARG C 83 -41.31 -0.09 -6.13
C ARG C 83 -41.65 -1.44 -5.51
N GLN C 84 -41.18 -2.50 -6.16
CA GLN C 84 -41.49 -3.86 -5.76
C GLN C 84 -40.72 -4.27 -4.51
N VAL C 85 -39.45 -3.90 -4.45
CA VAL C 85 -38.54 -4.42 -3.43
C VAL C 85 -38.04 -3.34 -2.47
N GLY C 86 -38.17 -3.61 -1.18
CA GLY C 86 -37.58 -2.78 -0.14
C GLY C 86 -36.52 -3.59 0.61
N VAL C 87 -35.33 -3.02 0.76
CA VAL C 87 -34.25 -3.70 1.46
C VAL C 87 -33.83 -2.95 2.71
N VAL C 88 -33.68 -3.68 3.81
CA VAL C 88 -33.05 -3.16 5.00
C VAL C 88 -31.72 -3.88 5.16
N LEU C 89 -30.63 -3.13 5.04
CA LEU C 89 -29.29 -3.67 5.25
C LEU C 89 -28.92 -3.52 6.73
N GLN C 90 -27.72 -3.96 7.08
CA GLN C 90 -27.21 -3.87 8.45
C GLN C 90 -26.92 -2.42 8.89
N ASP C 91 -26.48 -1.59 7.94
CA ASP C 91 -26.20 -0.18 8.20
C ASP C 91 -27.03 0.74 7.31
N ASN C 92 -27.75 1.65 7.95
CA ASN C 92 -28.56 2.63 7.27
C ASN C 92 -28.16 4.05 7.66
N VAL C 93 -28.17 4.96 6.69
CA VAL C 93 -27.74 6.33 6.96
C VAL C 93 -28.72 7.13 7.84
N LEU C 94 -29.89 7.47 7.31
CA LEU C 94 -30.82 8.42 7.93
C LEU C 94 -30.37 9.87 7.71
N LEU C 95 -31.29 10.70 7.19
CA LEU C 95 -31.04 12.13 6.96
C LEU C 95 -31.06 12.93 8.26
N ASN C 96 -30.32 14.04 8.30
CA ASN C 96 -30.17 14.82 9.52
C ASN C 96 -31.39 15.67 9.90
N ARG C 97 -32.54 15.38 9.30
CA ARG C 97 -33.81 15.99 9.68
C ARG C 97 -34.52 15.19 10.78
N SER C 98 -35.84 15.29 10.88
CA SER C 98 -36.57 14.66 11.99
C SER C 98 -36.88 13.17 11.80
N ILE C 99 -37.17 12.48 12.90
CA ILE C 99 -37.50 11.06 12.91
C ILE C 99 -38.70 10.74 12.00
N ILE C 100 -39.77 11.52 12.13
CA ILE C 100 -40.96 11.32 11.29
C ILE C 100 -40.66 11.51 9.80
N ASP C 101 -40.02 12.62 9.44
CA ASP C 101 -39.59 12.86 8.06
C ASP C 101 -38.70 11.74 7.53
N ASN C 102 -37.91 11.14 8.42
CA ASN C 102 -37.05 10.02 8.08
C ASN C 102 -37.81 8.72 7.86
N ILE C 103 -38.93 8.57 8.55
CA ILE C 103 -39.80 7.43 8.33
C ILE C 103 -40.75 7.70 7.15
N SER C 104 -41.16 8.97 7.00
CA SER C 104 -42.10 9.41 5.94
C SER C 104 -41.47 9.64 4.57
N LEU C 105 -40.21 9.26 4.38
CA LEU C 105 -39.45 9.53 3.14
C LEU C 105 -40.25 9.29 1.85
N ALA C 106 -40.76 8.07 1.70
CA ALA C 106 -41.50 7.67 0.49
C ALA C 106 -42.91 8.28 0.43
N ASN C 107 -43.54 8.46 1.58
CA ASN C 107 -44.87 9.05 1.64
C ASN C 107 -44.89 10.35 2.46
N PRO C 108 -44.30 11.42 1.93
CA PRO C 108 -44.11 12.66 2.68
C PRO C 108 -45.38 13.15 3.39
N GLY C 109 -46.48 13.25 2.64
CA GLY C 109 -47.74 13.74 3.18
C GLY C 109 -48.62 12.63 3.76
N MET C 110 -48.06 11.89 4.71
CA MET C 110 -48.78 10.77 5.34
C MET C 110 -49.12 11.06 6.80
N SER C 111 -50.30 10.59 7.22
CA SER C 111 -50.84 10.85 8.55
C SER C 111 -50.01 10.19 9.65
N VAL C 112 -50.06 10.79 10.83
CA VAL C 112 -49.16 10.49 11.94
C VAL C 112 -49.32 9.06 12.48
N GLU C 113 -50.57 8.59 12.54
CA GLU C 113 -50.85 7.28 13.14
C GLU C 113 -50.27 6.11 12.33
N LYS C 114 -50.14 6.30 11.02
CA LYS C 114 -49.52 5.32 10.14
C LYS C 114 -48.06 5.14 10.51
N VAL C 115 -47.40 6.26 10.81
CA VAL C 115 -45.99 6.25 11.21
C VAL C 115 -45.80 5.53 12.54
N ILE C 116 -46.58 5.94 13.53
CA ILE C 116 -46.53 5.33 14.86
C ILE C 116 -46.68 3.81 14.76
N TYR C 117 -47.74 3.36 14.06
CA TYR C 117 -48.01 1.93 13.89
C TYR C 117 -46.79 1.21 13.31
N ALA C 118 -46.06 1.89 12.43
CA ALA C 118 -44.86 1.32 11.84
C ALA C 118 -43.69 1.35 12.84
N ALA C 119 -43.64 2.37 13.68
CA ALA C 119 -42.62 2.44 14.73
C ALA C 119 -42.90 1.45 15.84
N LYS C 120 -44.19 1.20 16.11
CA LYS C 120 -44.61 0.17 17.07
C LYS C 120 -44.28 -1.25 16.63
N LEU C 121 -44.23 -1.47 15.31
CA LEU C 121 -43.90 -2.77 14.73
C LEU C 121 -42.39 -3.02 14.72
N ALA C 122 -41.62 -1.95 14.67
CA ALA C 122 -40.18 -2.02 14.62
C ALA C 122 -39.55 -2.04 16.02
N GLY C 123 -40.38 -1.82 17.05
CA GLY C 123 -39.88 -1.70 18.42
C GLY C 123 -39.24 -0.35 18.66
N ALA C 124 -39.62 0.63 17.86
CA ALA C 124 -38.99 1.94 17.86
C ALA C 124 -39.80 2.97 18.65
N HIS C 125 -41.13 2.82 18.61
CA HIS C 125 -42.03 3.77 19.26
C HIS C 125 -41.68 4.10 20.70
N ASP C 126 -41.33 3.09 21.48
CA ASP C 126 -41.09 3.27 22.91
C ASP C 126 -39.96 4.25 23.23
N PHE C 127 -38.80 4.07 22.61
CA PHE C 127 -37.68 4.96 22.88
C PHE C 127 -37.90 6.36 22.31
N ILE C 128 -38.57 6.44 21.16
CA ILE C 128 -38.87 7.72 20.51
C ILE C 128 -39.81 8.56 21.37
N SER C 129 -40.84 7.93 21.93
CA SER C 129 -41.79 8.62 22.81
C SER C 129 -41.15 9.08 24.12
N GLU C 130 -40.01 8.48 24.46
CA GLU C 130 -39.24 8.89 25.64
C GLU C 130 -38.37 10.12 25.37
N LEU C 131 -38.06 10.37 24.10
CA LEU C 131 -37.19 11.49 23.72
C LEU C 131 -37.90 12.85 23.80
N ARG C 132 -37.11 13.91 23.98
CA ARG C 132 -37.62 15.26 24.23
C ARG C 132 -38.66 15.73 23.20
N GLU C 133 -38.26 15.77 21.94
CA GLU C 133 -39.13 16.27 20.87
C GLU C 133 -39.90 15.13 20.20
N GLY C 134 -39.95 13.98 20.88
CA GLY C 134 -40.67 12.81 20.39
C GLY C 134 -40.31 12.47 18.95
N TYR C 135 -41.31 12.61 18.08
CA TYR C 135 -41.11 12.29 16.66
C TYR C 135 -40.46 13.40 15.84
N ASN C 136 -40.40 14.61 16.41
CA ASN C 136 -39.72 15.73 15.74
C ASN C 136 -38.31 15.98 16.28
N THR C 137 -37.63 14.90 16.71
CA THR C 137 -36.39 15.01 17.49
C THR C 137 -35.14 15.49 16.71
N ILE C 138 -35.23 15.54 15.38
CA ILE C 138 -34.09 15.89 14.51
C ILE C 138 -32.91 14.93 14.75
N VAL C 139 -32.80 13.95 13.87
CA VAL C 139 -31.91 12.80 14.02
C VAL C 139 -30.44 13.21 14.14
N GLY C 140 -29.87 13.68 13.04
CA GLY C 140 -28.43 13.85 12.95
C GLY C 140 -27.94 15.27 12.80
N GLU C 141 -26.62 15.40 12.75
CA GLU C 141 -25.95 16.65 12.48
C GLU C 141 -24.82 16.30 11.49
N GLN C 142 -25.17 16.30 10.20
CA GLN C 142 -24.30 15.79 9.12
C GLN C 142 -24.06 14.28 9.28
N GLY C 143 -24.95 13.64 10.04
CA GLY C 143 -24.79 12.24 10.44
C GLY C 143 -25.49 12.03 11.77
N ALA C 144 -26.05 10.83 11.95
CA ALA C 144 -27.01 10.55 13.03
C ALA C 144 -26.48 10.60 14.49
N GLY C 145 -27.31 11.15 15.38
CA GLY C 145 -27.02 11.23 16.82
C GLY C 145 -27.87 10.28 17.66
N LEU C 146 -28.05 9.05 17.16
CA LEU C 146 -28.74 7.97 17.86
C LEU C 146 -27.83 6.77 17.92
N SER C 147 -28.22 5.74 18.66
CA SER C 147 -27.43 4.52 18.76
C SER C 147 -27.71 3.58 17.58
N GLY C 148 -26.72 2.77 17.21
CA GLY C 148 -26.84 1.81 16.12
C GLY C 148 -28.22 1.16 16.02
N GLY C 149 -28.62 0.50 17.11
CA GLY C 149 -29.89 -0.23 17.17
C GLY C 149 -31.13 0.63 17.00
N GLN C 150 -31.05 1.86 17.52
CA GLN C 150 -32.13 2.82 17.34
C GLN C 150 -32.25 3.25 15.88
N ARG C 151 -31.13 3.66 15.28
CA ARG C 151 -31.08 3.97 13.83
C ARG C 151 -31.62 2.82 12.99
N GLN C 152 -31.20 1.61 13.34
CA GLN C 152 -31.61 0.39 12.65
C GLN C 152 -33.12 0.16 12.72
N ARG C 153 -33.70 0.40 13.91
CA ARG C 153 -35.12 0.21 14.13
C ARG C 153 -35.96 1.27 13.43
N ILE C 154 -35.41 2.48 13.33
CA ILE C 154 -36.00 3.55 12.54
C ILE C 154 -36.07 3.13 11.07
N ALA C 155 -34.95 2.58 10.57
CA ALA C 155 -34.85 2.14 9.19
C ALA C 155 -35.89 1.07 8.86
N ILE C 156 -36.13 0.15 9.81
CA ILE C 156 -37.18 -0.86 9.67
C ILE C 156 -38.53 -0.17 9.47
N ALA C 157 -38.83 0.80 10.32
CA ALA C 157 -40.07 1.57 10.24
C ALA C 157 -40.19 2.27 8.89
N ARG C 158 -39.07 2.79 8.39
CA ARG C 158 -39.02 3.43 7.08
C ARG C 158 -39.43 2.45 5.99
N ALA C 159 -38.82 1.27 5.99
CA ALA C 159 -39.14 0.21 5.04
C ALA C 159 -40.61 -0.18 5.08
N LEU C 160 -41.18 -0.23 6.27
CA LEU C 160 -42.59 -0.59 6.44
C LEU C 160 -43.52 0.51 5.90
N VAL C 161 -43.06 1.75 6.00
CA VAL C 161 -43.82 2.88 5.48
C VAL C 161 -43.77 2.94 3.95
N ASN C 162 -42.66 2.50 3.37
CA ASN C 162 -42.49 2.48 1.91
C ASN C 162 -43.46 1.52 1.22
N ASN C 163 -43.93 0.53 1.99
CA ASN C 163 -44.89 -0.48 1.53
C ASN C 163 -44.52 -1.22 0.23
N PRO C 164 -43.38 -1.90 0.23
CA PRO C 164 -43.02 -2.75 -0.89
C PRO C 164 -43.79 -4.07 -0.82
N LYS C 165 -44.01 -4.69 -1.97
CA LYS C 165 -44.64 -6.00 -2.00
C LYS C 165 -43.68 -7.07 -1.49
N ILE C 166 -42.38 -6.80 -1.62
CA ILE C 166 -41.36 -7.67 -0.99
C ILE C 166 -40.39 -6.87 -0.13
N LEU C 167 -40.15 -7.38 1.06
CA LEU C 167 -39.29 -6.75 2.02
C LEU C 167 -38.14 -7.70 2.34
N ILE C 168 -36.92 -7.23 2.12
CA ILE C 168 -35.73 -8.03 2.41
C ILE C 168 -34.98 -7.46 3.62
N PHE C 169 -34.76 -8.30 4.62
CA PHE C 169 -33.95 -7.94 5.78
C PHE C 169 -32.59 -8.61 5.62
N ASP C 170 -31.55 -7.83 5.34
CA ASP C 170 -30.20 -8.40 5.20
C ASP C 170 -29.34 -8.16 6.45
N GLU C 171 -29.40 -9.10 7.38
CA GLU C 171 -28.71 -9.02 8.67
C GLU C 171 -29.20 -7.79 9.42
N ALA C 172 -30.50 -7.50 9.25
CA ALA C 172 -31.10 -6.29 9.80
C ALA C 172 -31.02 -6.22 11.32
N THR C 173 -31.10 -7.36 11.98
CA THR C 173 -31.22 -7.39 13.44
C THR C 173 -30.06 -8.13 14.08
N SER C 174 -29.01 -8.34 13.29
CA SER C 174 -27.83 -9.10 13.73
C SER C 174 -27.08 -8.38 14.84
N ALA C 175 -27.10 -7.05 14.82
CA ALA C 175 -26.47 -6.23 15.87
C ALA C 175 -27.48 -5.76 16.93
N LEU C 176 -28.63 -6.43 16.97
CA LEU C 176 -29.72 -6.02 17.85
C LEU C 176 -29.91 -7.02 18.98
N ASP C 177 -30.17 -6.51 20.18
CA ASP C 177 -30.34 -7.37 21.35
C ASP C 177 -31.52 -8.31 21.15
N TYR C 178 -31.53 -9.41 21.90
CA TYR C 178 -32.55 -10.44 21.78
C TYR C 178 -33.97 -9.92 22.05
N GLU C 179 -34.09 -8.97 22.98
CA GLU C 179 -35.37 -8.34 23.32
C GLU C 179 -35.98 -7.60 22.14
N SER C 180 -35.16 -6.77 21.50
CA SER C 180 -35.61 -5.93 20.40
C SER C 180 -35.88 -6.73 19.12
N GLU C 181 -35.11 -7.80 18.90
CA GLU C 181 -35.34 -8.67 17.75
C GLU C 181 -36.63 -9.46 17.91
N HIS C 182 -36.86 -9.93 19.14
CA HIS C 182 -38.05 -10.68 19.50
C HIS C 182 -39.33 -9.87 19.21
N VAL C 183 -39.28 -8.57 19.48
CA VAL C 183 -40.40 -7.67 19.24
C VAL C 183 -40.69 -7.60 17.74
N ILE C 184 -39.64 -7.48 16.93
CA ILE C 184 -39.80 -7.42 15.49
C ILE C 184 -40.30 -8.75 14.92
N MET C 185 -39.73 -9.86 15.39
CA MET C 185 -40.06 -11.17 14.85
C MET C 185 -41.43 -11.70 15.26
N ARG C 186 -41.88 -11.32 16.45
CA ARG C 186 -43.25 -11.63 16.89
C ARG C 186 -44.28 -10.80 16.13
N ASN C 187 -43.83 -9.65 15.61
CA ASN C 187 -44.67 -8.79 14.79
C ASN C 187 -44.70 -9.22 13.33
N MET C 188 -43.90 -10.23 13.01
CA MET C 188 -43.72 -10.68 11.63
C MET C 188 -45.02 -11.04 10.91
N HIS C 189 -46.01 -11.56 11.65
CA HIS C 189 -47.33 -11.89 11.08
C HIS C 189 -48.10 -10.64 10.62
N LYS C 190 -47.86 -9.51 11.28
CA LYS C 190 -48.41 -8.23 10.88
C LYS C 190 -47.59 -7.62 9.73
N ILE C 191 -46.26 -7.64 9.89
CA ILE C 191 -45.33 -7.13 8.89
C ILE C 191 -45.55 -7.70 7.48
N CYS C 192 -45.82 -9.00 7.39
CA CYS C 192 -45.91 -9.70 6.12
C CYS C 192 -47.32 -9.73 5.53
N LYS C 193 -48.25 -8.99 6.13
CA LYS C 193 -49.62 -8.94 5.63
C LYS C 193 -49.67 -8.41 4.19
N GLY C 194 -49.98 -9.31 3.27
CA GLY C 194 -50.07 -8.99 1.85
C GLY C 194 -48.72 -8.80 1.17
N ARG C 195 -47.64 -9.18 1.85
CA ARG C 195 -46.30 -9.05 1.29
C ARG C 195 -45.37 -10.23 1.65
N THR C 196 -44.27 -10.34 0.92
CA THR C 196 -43.27 -11.38 1.15
C THR C 196 -42.09 -10.81 1.94
N VAL C 197 -41.57 -11.58 2.88
CA VAL C 197 -40.44 -11.16 3.70
C VAL C 197 -39.30 -12.19 3.61
N ILE C 198 -38.15 -11.73 3.13
CA ILE C 198 -36.95 -12.56 3.05
C ILE C 198 -35.94 -12.07 4.09
N ILE C 199 -35.45 -12.98 4.92
CA ILE C 199 -34.55 -12.63 5.99
C ILE C 199 -33.25 -13.41 5.91
N ILE C 200 -32.15 -12.70 5.67
CA ILE C 200 -30.80 -13.27 5.78
C ILE C 200 -30.36 -13.18 7.23
N ALA C 201 -29.86 -14.29 7.77
CA ALA C 201 -29.48 -14.37 9.20
C ALA C 201 -28.24 -15.20 9.47
N ALA C 202 -27.29 -14.60 10.20
CA ALA C 202 -26.13 -15.32 10.72
C ALA C 202 -26.53 -16.08 11.98
N ARG C 203 -27.56 -15.58 12.66
CA ARG C 203 -28.11 -16.16 13.88
C ARG C 203 -29.34 -16.97 13.50
N LEU C 204 -29.24 -18.29 13.60
CA LEU C 204 -30.30 -19.18 13.14
C LEU C 204 -31.65 -19.02 13.83
N SER C 205 -31.63 -18.80 15.15
CA SER C 205 -32.87 -18.64 15.92
C SER C 205 -33.73 -17.48 15.43
N THR C 206 -33.09 -16.46 14.86
CA THR C 206 -33.77 -15.31 14.26
C THR C 206 -34.87 -15.72 13.29
N VAL C 207 -34.65 -16.85 12.62
CA VAL C 207 -35.57 -17.33 11.56
C VAL C 207 -36.25 -18.65 11.91
N LYS C 208 -36.25 -18.99 13.20
CA LYS C 208 -36.82 -20.25 13.69
C LYS C 208 -38.27 -20.47 13.25
N ASN C 209 -39.05 -19.41 13.19
CA ASN C 209 -40.47 -19.54 12.83
C ASN C 209 -40.82 -19.09 11.41
N ALA C 210 -39.80 -19.01 10.55
CA ALA C 210 -40.03 -18.76 9.13
C ALA C 210 -40.87 -19.89 8.53
N ASP C 211 -41.60 -19.56 7.46
CA ASP C 211 -42.36 -20.57 6.73
C ASP C 211 -41.41 -21.58 6.12
N ARG C 212 -40.24 -21.10 5.71
CA ARG C 212 -39.24 -21.92 5.04
C ARG C 212 -37.88 -21.32 5.28
N ILE C 213 -36.89 -22.19 5.47
CA ILE C 213 -35.49 -21.76 5.62
C ILE C 213 -34.62 -22.39 4.54
N ILE C 214 -33.91 -21.53 3.83
CA ILE C 214 -33.03 -21.93 2.74
C ILE C 214 -31.58 -21.92 3.20
N VAL C 215 -30.97 -23.09 3.25
CA VAL C 215 -29.56 -23.20 3.59
C VAL C 215 -28.72 -23.07 2.33
N MET C 216 -27.89 -22.03 2.31
CA MET C 216 -26.98 -21.76 1.20
C MET C 216 -25.61 -22.33 1.50
N GLU C 217 -24.94 -22.75 0.44
CA GLU C 217 -23.55 -23.21 0.51
C GLU C 217 -22.97 -23.19 -0.90
N LYS C 218 -21.88 -22.44 -1.07
CA LYS C 218 -21.22 -22.30 -2.38
C LYS C 218 -22.18 -22.08 -3.55
N GLY C 219 -23.02 -21.05 -3.41
CA GLY C 219 -23.97 -20.64 -4.46
C GLY C 219 -25.11 -21.60 -4.78
N LYS C 220 -25.25 -22.64 -3.96
CA LYS C 220 -26.29 -23.64 -4.17
C LYS C 220 -27.20 -23.72 -2.96
N ILE C 221 -28.48 -24.00 -3.21
CA ILE C 221 -29.41 -24.33 -2.13
C ILE C 221 -29.20 -25.81 -1.79
N VAL C 222 -28.62 -26.06 -0.61
CA VAL C 222 -28.35 -27.44 -0.18
C VAL C 222 -29.55 -28.05 0.55
N GLU C 223 -30.24 -27.25 1.36
CA GLU C 223 -31.38 -27.73 2.14
C GLU C 223 -32.54 -26.72 2.13
N GLN C 224 -33.73 -27.20 2.49
CA GLN C 224 -34.94 -26.40 2.45
C GLN C 224 -35.92 -26.90 3.50
N GLY C 225 -37.04 -26.19 3.70
CA GLY C 225 -38.09 -26.65 4.60
C GLY C 225 -38.17 -25.90 5.91
N LYS C 226 -39.12 -26.30 6.76
CA LYS C 226 -39.31 -25.70 8.07
C LYS C 226 -38.19 -26.08 9.03
N HIS C 227 -38.11 -25.35 10.14
CA HIS C 227 -37.08 -25.55 11.18
C HIS C 227 -37.00 -26.98 11.71
N LYS C 228 -38.15 -27.54 12.08
CA LYS C 228 -38.21 -28.89 12.64
C LYS C 228 -37.75 -29.95 11.63
N GLU C 229 -38.18 -29.79 10.38
CA GLU C 229 -37.83 -30.71 9.29
C GLU C 229 -36.36 -30.64 8.90
N LEU C 230 -35.69 -29.57 9.29
CA LEU C 230 -34.29 -29.37 8.97
C LEU C 230 -33.36 -29.93 10.04
N LEU C 231 -33.78 -29.83 11.29
CA LEU C 231 -33.02 -30.36 12.42
C LEU C 231 -33.28 -31.84 12.63
N SER C 232 -34.21 -32.40 11.86
CA SER C 232 -34.53 -33.82 11.93
C SER C 232 -33.45 -34.71 11.32
N GLU C 233 -32.69 -34.16 10.36
CA GLU C 233 -31.56 -34.86 9.76
C GLU C 233 -30.32 -34.74 10.66
N PRO C 234 -29.77 -35.88 11.09
CA PRO C 234 -28.66 -35.91 12.05
C PRO C 234 -27.42 -35.10 11.64
N GLU C 235 -26.92 -35.32 10.42
CA GLU C 235 -25.66 -34.71 9.97
C GLU C 235 -25.83 -33.75 8.80
N SER C 236 -26.93 -33.01 8.80
CA SER C 236 -27.18 -31.98 7.79
C SER C 236 -26.41 -30.70 8.12
N LEU C 237 -26.33 -29.78 7.15
CA LEU C 237 -25.61 -28.53 7.35
C LEU C 237 -26.31 -27.62 8.35
N TYR C 238 -27.65 -27.62 8.33
CA TYR C 238 -28.44 -26.85 9.28
C TYR C 238 -28.26 -27.39 10.71
N SER C 239 -28.18 -28.72 10.82
CA SER C 239 -28.06 -29.40 12.12
C SER C 239 -26.70 -29.16 12.78
N TYR C 240 -25.68 -28.97 11.95
CA TYR C 240 -24.34 -28.65 12.43
C TYR C 240 -24.28 -27.20 12.94
N LEU C 241 -24.92 -26.30 12.20
CA LEU C 241 -24.93 -24.87 12.56
C LEU C 241 -25.76 -24.59 13.80
N TYR C 242 -26.92 -25.23 13.90
CA TYR C 242 -27.79 -25.06 15.08
C TYR C 242 -27.16 -25.71 16.31
N GLN C 243 -26.47 -26.83 16.10
CA GLN C 243 -25.72 -27.49 17.15
C GLN C 243 -24.64 -26.53 17.67
N LEU C 244 -24.01 -25.81 16.75
CA LEU C 244 -23.07 -24.76 17.11
C LEU C 244 -23.86 -23.62 17.76
N GLN C 245 -23.32 -23.11 18.86
CA GLN C 245 -23.97 -22.06 19.66
C GLN C 245 -25.40 -22.38 20.11
N SER C 246 -25.52 -23.49 20.84
CA SER C 246 -26.71 -23.78 21.63
C SER C 246 -26.45 -23.20 23.01
N ASP C 247 -25.21 -23.36 23.47
CA ASP C 247 -24.70 -22.70 24.67
C ASP C 247 -23.27 -22.18 24.42
N ASP D 7 -5.18 -1.52 34.13
CA ASP D 7 -4.44 -0.56 33.25
C ASP D 7 -5.38 0.30 32.39
N ILE D 8 -6.67 0.00 32.40
CA ILE D 8 -7.71 0.88 31.85
C ILE D 8 -8.75 1.17 32.93
N THR D 9 -8.84 2.44 33.33
CA THR D 9 -9.62 2.80 34.53
C THR D 9 -10.73 3.83 34.30
N PHE D 10 -11.95 3.44 34.66
CA PHE D 10 -13.10 4.34 34.74
C PHE D 10 -13.40 4.54 36.22
N ARG D 11 -13.39 5.79 36.68
CA ARG D 11 -13.69 6.08 38.09
C ARG D 11 -14.66 7.24 38.30
N ASN D 12 -15.85 6.92 38.81
CA ASN D 12 -16.93 7.89 39.06
C ASN D 12 -17.23 8.80 37.88
N ILE D 13 -17.21 8.23 36.67
CA ILE D 13 -17.33 9.01 35.45
C ILE D 13 -18.77 9.19 34.97
N ARG D 14 -19.08 10.41 34.55
CA ARG D 14 -20.39 10.74 33.99
C ARG D 14 -20.25 11.41 32.63
N PHE D 15 -21.20 11.14 31.74
CA PHE D 15 -21.17 11.70 30.39
C PHE D 15 -22.55 11.97 29.79
N ARG D 16 -22.66 13.14 29.15
CA ARG D 16 -23.75 13.47 28.24
C ARG D 16 -23.13 14.01 26.96
N TYR D 17 -23.72 13.68 25.81
CA TYR D 17 -23.18 14.08 24.51
C TYR D 17 -23.17 15.61 24.31
N LYS D 18 -24.10 16.29 24.98
CA LYS D 18 -24.19 17.75 24.92
C LYS D 18 -24.91 18.21 26.19
N PRO D 19 -24.49 19.35 26.77
CA PRO D 19 -25.16 19.92 27.93
C PRO D 19 -26.67 19.63 28.06
N ASP D 20 -27.38 19.67 26.93
CA ASP D 20 -28.84 19.43 26.92
C ASP D 20 -29.22 17.95 26.84
N SER D 21 -28.30 17.11 26.39
CA SER D 21 -28.47 15.65 26.39
C SER D 21 -28.66 15.15 27.82
N PRO D 22 -29.53 14.15 28.01
CA PRO D 22 -29.70 13.52 29.31
C PRO D 22 -28.43 12.76 29.72
N VAL D 23 -28.37 12.34 30.98
CA VAL D 23 -27.25 11.53 31.45
C VAL D 23 -27.27 10.19 30.73
N ILE D 24 -26.23 9.93 29.94
CA ILE D 24 -26.13 8.65 29.23
C ILE D 24 -25.23 7.69 30.00
N LEU D 25 -24.08 8.18 30.47
CA LEU D 25 -23.23 7.39 31.33
C LEU D 25 -23.26 7.93 32.75
N ASP D 26 -23.57 7.06 33.71
CA ASP D 26 -23.68 7.45 35.09
C ASP D 26 -22.85 6.53 35.99
N ASN D 27 -22.07 7.15 36.89
CA ASN D 27 -21.41 6.45 37.99
C ASN D 27 -20.54 5.26 37.57
N ILE D 28 -19.95 5.34 36.38
CA ILE D 28 -19.19 4.23 35.84
C ILE D 28 -17.88 4.01 36.58
N ASN D 29 -17.81 2.88 37.26
CA ASN D 29 -16.61 2.44 37.96
C ASN D 29 -16.13 1.15 37.32
N LEU D 30 -14.96 1.23 36.68
CA LEU D 30 -14.45 0.11 35.90
C LEU D 30 -12.93 0.10 35.81
N SER D 31 -12.35 -1.10 35.88
CA SER D 31 -10.92 -1.28 35.74
C SER D 31 -10.61 -2.53 34.92
N ILE D 32 -9.89 -2.33 33.81
CA ILE D 32 -9.56 -3.43 32.90
C ILE D 32 -8.05 -3.64 32.79
N LYS D 33 -7.54 -4.70 33.41
CA LYS D 33 -6.11 -4.98 33.40
C LYS D 33 -5.64 -5.62 32.08
N GLN D 34 -4.41 -5.31 31.70
CA GLN D 34 -3.77 -5.81 30.48
C GLN D 34 -3.96 -7.31 30.25
N GLY D 35 -4.24 -7.69 29.00
CA GLY D 35 -4.35 -9.11 28.62
C GLY D 35 -5.70 -9.70 28.91
N GLU D 36 -6.62 -8.88 29.39
CA GLU D 36 -7.95 -9.32 29.74
C GLU D 36 -8.91 -9.21 28.56
N VAL D 37 -9.92 -10.09 28.55
CA VAL D 37 -10.99 -10.04 27.58
C VAL D 37 -12.26 -9.60 28.30
N ILE D 38 -12.75 -8.41 27.96
CA ILE D 38 -13.96 -7.86 28.55
C ILE D 38 -15.09 -7.82 27.52
N GLY D 39 -16.24 -8.36 27.91
CA GLY D 39 -17.42 -8.34 27.07
C GLY D 39 -18.44 -7.36 27.59
N ILE D 40 -19.04 -6.60 26.69
CA ILE D 40 -20.12 -5.69 27.07
C ILE D 40 -21.42 -6.04 26.35
N VAL D 41 -22.37 -6.52 27.15
CA VAL D 41 -23.70 -6.85 26.68
C VAL D 41 -24.73 -5.98 27.38
N GLY D 42 -25.89 -5.84 26.74
CA GLY D 42 -26.94 -4.95 27.20
C GLY D 42 -27.86 -4.58 26.07
N ARG D 43 -29.00 -3.98 26.40
CA ARG D 43 -30.02 -3.60 25.43
C ARG D 43 -29.52 -2.58 24.40
N SER D 44 -30.27 -2.39 23.33
CA SER D 44 -30.05 -1.29 22.41
C SER D 44 -30.30 0.06 23.09
N GLY D 45 -29.27 0.91 23.12
CA GLY D 45 -29.36 2.20 23.78
C GLY D 45 -28.99 2.17 25.26
N SER D 46 -28.33 1.10 25.70
CA SER D 46 -27.88 0.98 27.08
C SER D 46 -26.51 1.63 27.32
N GLY D 47 -25.77 1.89 26.24
CA GLY D 47 -24.55 2.72 26.30
C GLY D 47 -23.23 2.02 26.09
N LYS D 48 -23.26 0.80 25.55
CA LYS D 48 -22.07 -0.02 25.39
C LYS D 48 -21.02 0.67 24.51
N SER D 49 -21.46 1.16 23.36
CA SER D 49 -20.59 1.87 22.42
C SER D 49 -20.01 3.15 23.02
N THR D 50 -20.86 3.96 23.65
CA THR D 50 -20.43 5.22 24.24
C THR D 50 -19.28 5.01 25.24
N LEU D 51 -19.36 3.93 26.01
CA LEU D 51 -18.32 3.56 26.96
C LEU D 51 -16.96 3.45 26.28
N THR D 52 -16.94 2.84 25.09
CA THR D 52 -15.70 2.70 24.32
C THR D 52 -15.28 4.01 23.64
N LYS D 53 -16.23 4.91 23.40
CA LYS D 53 -15.93 6.21 22.80
C LYS D 53 -15.13 7.10 23.75
N LEU D 54 -15.29 6.85 25.05
CA LEU D 54 -14.52 7.58 26.07
C LEU D 54 -13.10 7.02 26.21
N ILE D 55 -12.91 5.78 25.80
CA ILE D 55 -11.57 5.16 25.78
C ILE D 55 -10.72 5.75 24.66
N GLN D 56 -11.31 5.91 23.47
CA GLN D 56 -10.65 6.55 22.32
C GLN D 56 -10.51 8.05 22.51
N ARG D 57 -11.06 8.56 23.61
CA ARG D 57 -11.24 9.98 23.86
C ARG D 57 -11.75 10.67 22.61
N PHE D 58 -12.99 10.35 22.23
CA PHE D 58 -13.68 11.10 21.20
C PHE D 58 -14.32 12.32 21.85
N TYR D 59 -14.86 12.13 23.06
CA TYR D 59 -15.55 13.19 23.79
C TYR D 59 -15.01 13.37 25.21
N ILE D 60 -15.23 14.56 25.77
CA ILE D 60 -14.80 14.87 27.13
C ILE D 60 -15.94 14.59 28.12
N PRO D 61 -15.64 13.88 29.22
CA PRO D 61 -16.60 13.64 30.29
C PRO D 61 -16.63 14.81 31.29
N GLU D 62 -17.70 14.90 32.07
CA GLU D 62 -17.81 15.92 33.12
C GLU D 62 -17.12 15.47 34.42
N ASN D 63 -17.87 14.80 35.30
CA ASN D 63 -17.30 14.21 36.51
C ASN D 63 -16.59 12.90 36.19
N GLY D 64 -15.44 12.67 36.82
CA GLY D 64 -14.70 11.42 36.67
C GLY D 64 -13.56 11.47 35.66
N GLN D 65 -12.84 10.35 35.55
CA GLN D 65 -11.71 10.23 34.62
C GLN D 65 -11.66 8.89 33.90
N VAL D 66 -11.01 8.89 32.73
CA VAL D 66 -10.55 7.67 32.08
C VAL D 66 -9.02 7.66 32.12
N LEU D 67 -8.44 6.59 32.65
CA LEU D 67 -6.99 6.44 32.70
C LEU D 67 -6.53 5.26 31.85
N ILE D 68 -5.35 5.40 31.26
CA ILE D 68 -4.71 4.33 30.48
C ILE D 68 -3.26 4.16 30.92
N ASP D 69 -2.98 3.01 31.53
CA ASP D 69 -1.70 2.72 32.17
C ASP D 69 -1.35 3.82 33.19
N GLY D 70 -2.38 4.33 33.86
CA GLY D 70 -2.24 5.39 34.85
C GLY D 70 -2.24 6.81 34.31
N HIS D 71 -2.44 6.96 33.00
CA HIS D 71 -2.41 8.28 32.34
C HIS D 71 -3.81 8.83 32.06
N ASP D 72 -4.11 9.98 32.65
CA ASP D 72 -5.37 10.69 32.43
C ASP D 72 -5.45 11.19 30.98
N LEU D 73 -6.59 10.94 30.34
CA LEU D 73 -6.80 11.30 28.93
C LEU D 73 -7.00 12.79 28.72
N ALA D 74 -7.28 13.52 29.80
CA ALA D 74 -7.37 14.98 29.76
C ALA D 74 -6.02 15.59 29.42
N LEU D 75 -4.96 14.97 29.93
CA LEU D 75 -3.59 15.47 29.74
C LEU D 75 -2.72 14.57 28.85
N ALA D 76 -3.35 13.61 28.18
CA ALA D 76 -2.62 12.66 27.31
C ALA D 76 -2.55 13.12 25.86
N ASP D 77 -1.44 12.79 25.20
CA ASP D 77 -1.20 13.14 23.79
C ASP D 77 -2.27 12.54 22.87
N PRO D 78 -2.85 13.36 21.99
CA PRO D 78 -3.96 12.93 21.12
C PRO D 78 -3.55 11.95 20.01
N ASN D 79 -2.25 11.85 19.73
CA ASN D 79 -1.74 10.96 18.68
C ASN D 79 -1.29 9.62 19.25
N TRP D 80 -0.63 9.67 20.40
CA TRP D 80 -0.25 8.50 21.18
C TRP D 80 -1.46 7.61 21.45
N LEU D 81 -2.58 8.26 21.77
CA LEU D 81 -3.83 7.60 22.11
C LEU D 81 -4.48 6.91 20.92
N ARG D 82 -4.41 7.55 19.75
CA ARG D 82 -4.96 6.99 18.52
C ARG D 82 -4.26 5.68 18.09
N ARG D 83 -2.98 5.57 18.43
CA ARG D 83 -2.19 4.36 18.16
C ARG D 83 -2.37 3.30 19.24
N GLN D 84 -2.75 3.75 20.43
CA GLN D 84 -2.94 2.87 21.58
C GLN D 84 -4.23 2.05 21.47
N VAL D 85 -5.26 2.67 20.90
CA VAL D 85 -6.59 2.06 20.78
C VAL D 85 -6.97 1.89 19.30
N GLY D 86 -7.41 0.68 18.96
CA GLY D 86 -7.89 0.37 17.62
C GLY D 86 -9.25 -0.35 17.66
N VAL D 87 -10.19 0.15 16.88
CA VAL D 87 -11.54 -0.41 16.84
C VAL D 87 -11.83 -1.12 15.52
N VAL D 88 -12.74 -2.09 15.59
CA VAL D 88 -13.30 -2.73 14.40
C VAL D 88 -14.82 -2.64 14.51
N LEU D 89 -15.40 -1.84 13.63
CA LEU D 89 -16.83 -1.60 13.62
C LEU D 89 -17.56 -2.60 12.73
N GLN D 90 -18.88 -2.56 12.81
CA GLN D 90 -19.81 -3.41 12.07
C GLN D 90 -19.61 -3.33 10.57
N ASP D 91 -19.33 -2.13 10.08
CA ASP D 91 -19.20 -1.89 8.65
C ASP D 91 -17.81 -1.39 8.29
N ASN D 92 -17.25 -1.97 7.23
CA ASN D 92 -15.93 -1.58 6.76
C ASN D 92 -15.86 -1.40 5.27
N VAL D 93 -15.45 -0.20 4.87
CA VAL D 93 -15.21 0.10 3.48
C VAL D 93 -13.79 -0.34 3.15
N LEU D 94 -13.65 -1.14 2.10
CA LEU D 94 -12.33 -1.53 1.62
C LEU D 94 -11.85 -0.54 0.54
N LEU D 95 -10.55 -0.24 0.59
CA LEU D 95 -9.94 0.69 -0.36
C LEU D 95 -9.70 0.04 -1.70
N ASN D 96 -9.67 0.86 -2.76
CA ASN D 96 -9.44 0.35 -4.11
C ASN D 96 -7.98 -0.01 -4.34
N ARG D 97 -7.54 -1.03 -3.62
CA ARG D 97 -6.22 -1.62 -3.80
C ARG D 97 -6.28 -3.12 -3.49
N SER D 98 -5.11 -3.76 -3.43
CA SER D 98 -5.05 -5.20 -3.23
C SER D 98 -5.50 -5.59 -1.84
N ILE D 99 -5.88 -6.86 -1.68
CA ILE D 99 -6.29 -7.38 -0.37
C ILE D 99 -5.12 -7.28 0.62
N ILE D 100 -3.91 -7.65 0.18
CA ILE D 100 -2.73 -7.53 1.04
C ILE D 100 -2.50 -6.08 1.46
N ASP D 101 -2.60 -5.13 0.53
CA ASP D 101 -2.43 -3.71 0.82
C ASP D 101 -3.42 -3.23 1.86
N ASN D 102 -4.68 -3.66 1.69
CA ASN D 102 -5.73 -3.35 2.64
C ASN D 102 -5.40 -3.82 4.07
N ILE D 103 -4.95 -5.06 4.19
CA ILE D 103 -4.59 -5.63 5.49
C ILE D 103 -3.39 -4.92 6.12
N SER D 104 -2.40 -4.56 5.28
CA SER D 104 -1.15 -3.92 5.73
C SER D 104 -1.10 -2.39 5.62
N LEU D 105 -2.25 -1.73 5.69
CA LEU D 105 -2.29 -0.27 5.58
C LEU D 105 -1.48 0.45 6.67
N ALA D 106 -1.51 -0.09 7.89
CA ALA D 106 -0.78 0.49 9.01
C ALA D 106 0.71 0.10 9.00
N ASN D 107 1.02 -1.01 8.33
CA ASN D 107 2.40 -1.51 8.27
C ASN D 107 2.78 -2.06 6.88
N PRO D 108 2.95 -1.17 5.90
CA PRO D 108 3.24 -1.57 4.52
C PRO D 108 4.55 -2.35 4.36
N GLY D 109 5.53 -2.06 5.21
CA GLY D 109 6.84 -2.71 5.13
C GLY D 109 6.93 -4.06 5.79
N MET D 110 5.80 -4.55 6.29
CA MET D 110 5.74 -5.85 6.95
C MET D 110 5.78 -6.98 5.91
N SER D 111 6.49 -8.05 6.26
CA SER D 111 6.66 -9.23 5.41
C SER D 111 5.34 -9.92 5.05
N VAL D 112 5.39 -10.69 3.96
CA VAL D 112 4.20 -11.35 3.41
C VAL D 112 3.59 -12.37 4.37
N GLU D 113 4.42 -13.25 4.93
CA GLU D 113 3.92 -14.28 5.86
C GLU D 113 3.34 -13.70 7.15
N LYS D 114 3.85 -12.56 7.59
CA LYS D 114 3.31 -11.87 8.75
C LYS D 114 1.92 -11.28 8.48
N VAL D 115 1.71 -10.85 7.24
CA VAL D 115 0.39 -10.44 6.78
C VAL D 115 -0.51 -11.66 6.68
N ILE D 116 -0.02 -12.69 6.01
CA ILE D 116 -0.68 -14.00 5.93
C ILE D 116 -1.10 -14.46 7.32
N TYR D 117 -0.17 -14.39 8.28
CA TYR D 117 -0.43 -14.81 9.65
C TYR D 117 -1.65 -14.13 10.27
N ALA D 118 -1.75 -12.80 10.08
CA ALA D 118 -2.88 -12.03 10.58
C ALA D 118 -4.20 -12.46 9.91
N ALA D 119 -4.13 -12.76 8.62
CA ALA D 119 -5.28 -13.25 7.86
C ALA D 119 -5.75 -14.62 8.36
N LYS D 120 -4.81 -15.47 8.74
CA LYS D 120 -5.11 -16.77 9.36
C LYS D 120 -5.78 -16.59 10.72
N LEU D 121 -5.31 -15.61 11.48
CA LEU D 121 -5.89 -15.26 12.78
C LEU D 121 -7.33 -14.80 12.64
N ALA D 122 -7.61 -14.08 11.56
CA ALA D 122 -8.95 -13.56 11.28
C ALA D 122 -9.84 -14.56 10.53
N GLY D 123 -9.25 -15.68 10.10
CA GLY D 123 -9.94 -16.71 9.33
C GLY D 123 -10.25 -16.28 7.90
N ALA D 124 -9.43 -15.37 7.38
CA ALA D 124 -9.62 -14.80 6.05
C ALA D 124 -8.77 -15.48 4.98
N HIS D 125 -7.65 -16.06 5.40
CA HIS D 125 -6.65 -16.65 4.50
C HIS D 125 -7.21 -17.63 3.47
N ASP D 126 -8.15 -18.47 3.90
CA ASP D 126 -8.71 -19.51 3.04
C ASP D 126 -9.42 -18.96 1.80
N PHE D 127 -10.39 -18.06 2.00
CA PHE D 127 -11.11 -17.47 0.86
C PHE D 127 -10.24 -16.57 -0.02
N ILE D 128 -9.25 -15.90 0.59
CA ILE D 128 -8.24 -15.14 -0.17
C ILE D 128 -7.41 -16.07 -1.07
N SER D 129 -7.01 -17.23 -0.53
CA SER D 129 -6.23 -18.20 -1.30
C SER D 129 -7.02 -18.79 -2.46
N GLU D 130 -8.33 -18.94 -2.25
CA GLU D 130 -9.24 -19.42 -3.30
C GLU D 130 -9.36 -18.48 -4.51
N LEU D 131 -9.11 -17.19 -4.29
CA LEU D 131 -9.22 -16.17 -5.34
C LEU D 131 -8.14 -16.29 -6.41
N ARG D 132 -8.54 -16.03 -7.66
CA ARG D 132 -7.68 -16.17 -8.84
C ARG D 132 -6.33 -15.45 -8.73
N GLU D 133 -6.33 -14.27 -8.10
CA GLU D 133 -5.13 -13.46 -7.95
C GLU D 133 -4.67 -13.41 -6.48
N GLY D 134 -5.31 -14.22 -5.64
CA GLY D 134 -4.92 -14.36 -4.23
C GLY D 134 -5.01 -13.06 -3.43
N TYR D 135 -3.89 -12.69 -2.81
CA TYR D 135 -3.78 -11.47 -2.01
C TYR D 135 -3.73 -10.20 -2.84
N ASN D 136 -3.31 -10.35 -4.08
CA ASN D 136 -3.15 -9.23 -5.01
C ASN D 136 -4.42 -8.90 -5.79
N THR D 137 -5.54 -9.50 -5.40
CA THR D 137 -6.81 -9.42 -6.15
C THR D 137 -7.22 -8.01 -6.56
N ILE D 138 -7.07 -7.04 -5.66
CA ILE D 138 -7.52 -5.66 -5.87
C ILE D 138 -9.03 -5.61 -5.68
N VAL D 139 -9.42 -4.98 -4.58
CA VAL D 139 -10.82 -4.90 -4.17
C VAL D 139 -11.29 -3.45 -4.09
N GLY D 140 -12.38 -3.22 -3.37
CA GLY D 140 -12.96 -1.89 -3.22
C GLY D 140 -13.75 -1.51 -4.45
N GLU D 141 -14.34 -0.33 -4.42
CA GLU D 141 -15.09 0.20 -5.57
C GLU D 141 -14.15 0.25 -6.77
N GLN D 142 -14.69 -0.09 -7.94
CA GLN D 142 -13.95 -0.14 -9.22
C GLN D 142 -13.35 -1.51 -9.57
N GLY D 143 -12.95 -2.29 -8.56
CA GLY D 143 -12.33 -3.60 -8.82
C GLY D 143 -12.59 -4.73 -7.84
N ALA D 144 -13.63 -5.52 -8.07
CA ALA D 144 -13.93 -6.77 -7.32
C ALA D 144 -14.49 -6.58 -5.91
N GLY D 145 -15.77 -6.90 -5.77
CA GLY D 145 -16.45 -6.84 -4.47
C GLY D 145 -16.31 -8.14 -3.70
N LEU D 146 -16.55 -8.05 -2.39
CA LEU D 146 -16.56 -9.22 -1.52
C LEU D 146 -17.81 -9.18 -0.65
N SER D 147 -18.13 -10.31 -0.03
CA SER D 147 -19.27 -10.36 0.87
C SER D 147 -18.95 -9.56 2.14
N GLY D 148 -20.00 -9.07 2.80
CA GLY D 148 -19.88 -8.33 4.04
C GLY D 148 -19.00 -9.04 5.07
N GLY D 149 -19.25 -10.33 5.22
CA GLY D 149 -18.48 -11.20 6.12
C GLY D 149 -17.05 -11.44 5.69
N GLN D 150 -16.76 -11.26 4.39
CA GLN D 150 -15.38 -11.35 3.91
C GLN D 150 -14.68 -10.02 4.13
N ARG D 151 -15.37 -8.93 3.80
CA ARG D 151 -14.92 -7.57 4.10
C ARG D 151 -14.60 -7.44 5.59
N GLN D 152 -15.43 -8.08 6.40
CA GLN D 152 -15.32 -7.95 7.84
C GLN D 152 -14.08 -8.66 8.41
N ARG D 153 -13.81 -9.88 7.93
CA ARG D 153 -12.63 -10.64 8.36
C ARG D 153 -11.35 -9.93 7.95
N ILE D 154 -11.34 -9.38 6.75
CA ILE D 154 -10.24 -8.57 6.25
C ILE D 154 -9.96 -7.39 7.19
N ALA D 155 -11.03 -6.74 7.65
CA ALA D 155 -10.93 -5.59 8.55
C ALA D 155 -10.32 -6.00 9.89
N ILE D 156 -10.72 -7.17 10.38
CA ILE D 156 -10.18 -7.70 11.62
C ILE D 156 -8.69 -7.98 11.43
N ALA D 157 -8.34 -8.66 10.34
CA ALA D 157 -6.95 -8.88 9.96
C ALA D 157 -6.18 -7.56 9.92
N ARG D 158 -6.79 -6.54 9.32
CA ARG D 158 -6.20 -5.21 9.22
C ARG D 158 -5.85 -4.67 10.61
N ALA D 159 -6.83 -4.71 11.52
CA ALA D 159 -6.69 -4.15 12.87
C ALA D 159 -5.65 -4.86 13.73
N LEU D 160 -5.38 -6.13 13.42
CA LEU D 160 -4.35 -6.89 14.13
C LEU D 160 -2.94 -6.46 13.71
N VAL D 161 -2.77 -6.11 12.45
CA VAL D 161 -1.48 -5.61 11.92
C VAL D 161 -1.12 -4.27 12.59
N ASN D 162 -2.13 -3.43 12.81
CA ASN D 162 -2.00 -2.27 13.70
C ASN D 162 -1.30 -2.64 14.99
N ASN D 163 -1.65 -3.82 15.51
CA ASN D 163 -1.20 -4.30 16.83
C ASN D 163 -1.28 -3.19 17.88
N PRO D 164 -2.49 -2.69 18.15
CA PRO D 164 -2.66 -1.66 19.17
C PRO D 164 -2.72 -2.28 20.57
N LYS D 165 -2.47 -1.46 21.59
CA LYS D 165 -2.47 -1.90 22.98
C LYS D 165 -3.85 -2.40 23.43
N ILE D 166 -4.89 -1.82 22.85
CA ILE D 166 -6.27 -2.17 23.17
C ILE D 166 -7.05 -2.32 21.88
N LEU D 167 -7.66 -3.49 21.69
CA LEU D 167 -8.42 -3.80 20.49
C LEU D 167 -9.91 -3.94 20.80
N ILE D 168 -10.73 -3.21 20.06
CA ILE D 168 -12.16 -3.14 20.34
C ILE D 168 -13.02 -3.65 19.19
N PHE D 169 -13.78 -4.71 19.45
CA PHE D 169 -14.74 -5.24 18.50
C PHE D 169 -16.13 -4.73 18.84
N ASP D 170 -16.61 -3.75 18.08
CA ASP D 170 -17.97 -3.27 18.27
C ASP D 170 -18.92 -3.97 17.31
N GLU D 171 -19.58 -5.02 17.80
CA GLU D 171 -20.52 -5.82 17.01
C GLU D 171 -19.88 -6.34 15.72
N ALA D 172 -18.55 -6.49 15.77
CA ALA D 172 -17.75 -6.77 14.58
C ALA D 172 -18.08 -8.11 13.93
N THR D 173 -18.44 -9.10 14.74
CA THR D 173 -18.71 -10.44 14.22
C THR D 173 -20.20 -10.80 14.32
N SER D 174 -21.04 -9.81 14.53
CA SER D 174 -22.48 -10.03 14.70
C SER D 174 -23.18 -10.49 13.41
N ALA D 175 -22.63 -10.12 12.25
CA ALA D 175 -23.17 -10.56 10.95
C ALA D 175 -22.37 -11.71 10.38
N LEU D 176 -21.58 -12.35 11.23
CA LEU D 176 -20.68 -13.41 10.81
C LEU D 176 -21.27 -14.77 11.16
N ASP D 177 -21.10 -15.73 10.26
CA ASP D 177 -21.64 -17.06 10.49
C ASP D 177 -20.92 -17.72 11.65
N TYR D 178 -21.66 -18.57 12.36
CA TYR D 178 -21.19 -19.20 13.59
C TYR D 178 -19.77 -19.77 13.49
N GLU D 179 -19.46 -20.37 12.34
CA GLU D 179 -18.17 -21.04 12.15
C GLU D 179 -17.03 -20.05 11.94
N SER D 180 -17.28 -19.01 11.15
CA SER D 180 -16.27 -17.99 10.84
C SER D 180 -15.88 -17.18 12.07
N GLU D 181 -16.86 -16.94 12.94
CA GLU D 181 -16.64 -16.26 14.21
C GLU D 181 -15.91 -17.16 15.19
N HIS D 182 -16.27 -18.44 15.19
CA HIS D 182 -15.64 -19.41 16.06
C HIS D 182 -14.13 -19.49 15.83
N VAL D 183 -13.70 -19.37 14.57
CA VAL D 183 -12.29 -19.31 14.20
C VAL D 183 -11.60 -18.08 14.85
N ILE D 184 -12.20 -16.91 14.70
CA ILE D 184 -11.67 -15.68 15.30
C ILE D 184 -11.67 -15.76 16.84
N MET D 185 -12.75 -16.29 17.41
CA MET D 185 -12.87 -16.40 18.86
C MET D 185 -12.01 -17.52 19.47
N ARG D 186 -11.75 -18.59 18.71
CA ARG D 186 -10.81 -19.63 19.15
C ARG D 186 -9.37 -19.09 19.10
N ASN D 187 -9.11 -18.18 18.17
CA ASN D 187 -7.83 -17.47 18.10
C ASN D 187 -7.76 -16.27 19.04
N MET D 188 -8.84 -16.03 19.80
CA MET D 188 -8.92 -14.89 20.69
C MET D 188 -7.86 -14.93 21.79
N HIS D 189 -7.50 -16.14 22.22
CA HIS D 189 -6.48 -16.34 23.25
C HIS D 189 -5.11 -15.90 22.75
N LYS D 190 -4.90 -15.95 21.43
CA LYS D 190 -3.65 -15.51 20.81
C LYS D 190 -3.78 -14.08 20.25
N ILE D 191 -5.01 -13.63 20.05
CA ILE D 191 -5.27 -12.28 19.55
C ILE D 191 -5.02 -11.22 20.63
N CYS D 192 -5.36 -11.54 21.88
CA CYS D 192 -5.17 -10.60 22.98
C CYS D 192 -3.84 -10.79 23.74
N LYS D 193 -2.82 -11.30 23.05
CA LYS D 193 -1.51 -11.48 23.66
C LYS D 193 -0.83 -10.15 23.97
N GLY D 194 -0.65 -9.88 25.27
CA GLY D 194 -0.04 -8.65 25.75
C GLY D 194 -0.88 -7.40 25.53
N ARG D 195 -2.16 -7.60 25.23
CA ARG D 195 -3.08 -6.49 24.93
C ARG D 195 -4.47 -6.74 25.47
N THR D 196 -5.25 -5.66 25.62
CA THR D 196 -6.62 -5.75 26.11
C THR D 196 -7.62 -5.81 24.94
N VAL D 197 -8.62 -6.69 25.05
CA VAL D 197 -9.63 -6.84 24.01
C VAL D 197 -11.04 -6.69 24.59
N ILE D 198 -11.80 -5.74 24.05
CA ILE D 198 -13.14 -5.43 24.52
C ILE D 198 -14.16 -5.71 23.41
N ILE D 199 -15.12 -6.59 23.70
CA ILE D 199 -16.12 -6.97 22.70
C ILE D 199 -17.53 -6.61 23.13
N ILE D 200 -18.16 -5.75 22.33
CA ILE D 200 -19.58 -5.44 22.45
C ILE D 200 -20.35 -6.46 21.60
N ALA D 201 -21.36 -7.11 22.20
CA ALA D 201 -22.08 -8.18 21.51
C ALA D 201 -23.56 -8.25 21.85
N ALA D 202 -24.38 -8.34 20.80
CA ALA D 202 -25.81 -8.61 20.95
C ALA D 202 -26.02 -10.10 21.18
N ARG D 203 -25.20 -10.89 20.50
CA ARG D 203 -25.16 -12.33 20.65
C ARG D 203 -24.32 -12.66 21.87
N LEU D 204 -24.97 -13.18 22.92
CA LEU D 204 -24.28 -13.47 24.18
C LEU D 204 -23.22 -14.57 24.06
N SER D 205 -23.47 -15.55 23.19
CA SER D 205 -22.52 -16.65 22.92
C SER D 205 -21.13 -16.15 22.49
N THR D 206 -21.10 -14.98 21.83
CA THR D 206 -19.88 -14.36 21.37
C THR D 206 -18.90 -14.04 22.50
N VAL D 207 -19.42 -13.54 23.62
CA VAL D 207 -18.58 -13.15 24.74
C VAL D 207 -18.58 -14.18 25.87
N LYS D 208 -19.14 -15.35 25.57
CA LYS D 208 -19.30 -16.44 26.54
C LYS D 208 -18.01 -16.85 27.25
N ASN D 209 -16.88 -16.67 26.57
CA ASN D 209 -15.59 -17.10 27.11
C ASN D 209 -14.70 -15.96 27.62
N ALA D 210 -15.29 -14.77 27.75
CA ALA D 210 -14.57 -13.60 28.26
C ALA D 210 -14.14 -13.80 29.72
N ASP D 211 -12.98 -13.24 30.07
CA ASP D 211 -12.50 -13.26 31.45
C ASP D 211 -13.46 -12.54 32.38
N ARG D 212 -14.24 -11.62 31.80
CA ARG D 212 -15.21 -10.82 32.54
C ARG D 212 -16.24 -10.27 31.56
N ILE D 213 -17.51 -10.29 31.97
CA ILE D 213 -18.60 -9.75 31.17
C ILE D 213 -19.32 -8.66 31.96
N ILE D 214 -19.57 -7.54 31.29
CA ILE D 214 -20.23 -6.40 31.90
C ILE D 214 -21.59 -6.20 31.26
N VAL D 215 -22.62 -6.19 32.10
CA VAL D 215 -23.98 -5.99 31.65
C VAL D 215 -24.40 -4.57 31.96
N MET D 216 -24.99 -3.90 30.96
CA MET D 216 -25.45 -2.54 31.12
C MET D 216 -26.94 -2.37 30.90
N GLU D 217 -27.52 -1.45 31.65
CA GLU D 217 -28.89 -0.99 31.46
C GLU D 217 -29.03 0.47 31.91
N LYS D 218 -29.59 1.28 31.01
CA LYS D 218 -29.88 2.70 31.26
C LYS D 218 -28.62 3.53 31.51
N GLY D 219 -27.52 3.10 30.88
CA GLY D 219 -26.23 3.79 31.00
C GLY D 219 -25.47 3.52 32.28
N LYS D 220 -25.76 2.38 32.92
CA LYS D 220 -25.06 1.97 34.15
C LYS D 220 -24.70 0.48 34.11
N ILE D 221 -23.61 0.11 34.77
CA ILE D 221 -23.25 -1.31 34.92
C ILE D 221 -24.10 -1.91 36.03
N VAL D 222 -24.91 -2.91 35.67
CA VAL D 222 -25.84 -3.51 36.63
C VAL D 222 -25.42 -4.89 37.09
N GLU D 223 -24.60 -5.55 36.28
CA GLU D 223 -24.13 -6.90 36.58
C GLU D 223 -22.73 -7.09 35.99
N GLN D 224 -21.92 -7.91 36.65
CA GLN D 224 -20.50 -8.02 36.32
C GLN D 224 -19.93 -9.37 36.78
N GLY D 225 -19.16 -10.02 35.90
CA GLY D 225 -18.47 -11.26 36.26
C GLY D 225 -18.38 -12.27 35.12
N LYS D 226 -17.85 -13.45 35.43
CA LYS D 226 -17.73 -14.53 34.46
C LYS D 226 -19.10 -15.12 34.10
N HIS D 227 -19.16 -15.78 32.94
CA HIS D 227 -20.41 -16.40 32.44
C HIS D 227 -21.10 -17.30 33.45
N LYS D 228 -20.31 -18.13 34.13
CA LYS D 228 -20.79 -19.03 35.16
C LYS D 228 -21.41 -18.30 36.35
N GLU D 229 -20.74 -17.23 36.78
CA GLU D 229 -21.18 -16.42 37.93
C GLU D 229 -22.46 -15.63 37.67
N LEU D 230 -22.65 -15.20 36.42
CA LEU D 230 -23.85 -14.43 36.03
C LEU D 230 -25.05 -15.33 35.78
N LEU D 231 -24.78 -16.60 35.50
CA LEU D 231 -25.82 -17.62 35.40
C LEU D 231 -26.09 -18.31 36.74
N SER D 232 -25.34 -17.92 37.78
CA SER D 232 -25.61 -18.37 39.15
C SER D 232 -26.93 -17.76 39.62
N GLU D 233 -27.10 -16.46 39.36
CA GLU D 233 -28.36 -15.79 39.61
C GLU D 233 -29.36 -16.07 38.48
N PRO D 234 -30.49 -16.69 38.83
CA PRO D 234 -31.49 -17.09 37.83
C PRO D 234 -32.32 -15.91 37.30
N GLU D 235 -32.70 -14.99 38.18
CA GLU D 235 -33.49 -13.82 37.80
C GLU D 235 -32.63 -12.60 37.45
N SER D 236 -31.33 -12.82 37.28
CA SER D 236 -30.42 -11.77 36.83
C SER D 236 -30.73 -11.38 35.39
N LEU D 237 -30.47 -10.12 35.05
CA LEU D 237 -30.77 -9.60 33.71
C LEU D 237 -29.95 -10.33 32.64
N TYR D 238 -28.76 -10.78 33.02
CA TYR D 238 -27.93 -11.58 32.14
C TYR D 238 -28.62 -12.90 31.82
N SER D 239 -28.96 -13.65 32.88
CA SER D 239 -29.72 -14.91 32.74
C SER D 239 -31.01 -14.73 31.96
N TYR D 240 -31.63 -13.57 32.11
CA TYR D 240 -32.80 -13.22 31.30
C TYR D 240 -32.41 -13.13 29.83
N LEU D 241 -31.38 -12.34 29.55
CA LEU D 241 -30.92 -12.16 28.18
C LEU D 241 -30.32 -13.44 27.61
N TYR D 242 -29.71 -14.25 28.48
CA TYR D 242 -29.15 -15.53 28.06
C TYR D 242 -30.23 -16.56 27.72
N GLN D 243 -31.34 -16.53 28.47
CA GLN D 243 -32.46 -17.43 28.22
C GLN D 243 -33.15 -17.12 26.87
N LEU D 244 -33.23 -15.83 26.54
CA LEU D 244 -33.81 -15.40 25.27
C LEU D 244 -32.97 -15.84 24.07
N GLN D 245 -33.66 -16.38 23.07
CA GLN D 245 -33.07 -16.81 21.80
C GLN D 245 -31.88 -17.79 21.91
N SER D 246 -31.58 -18.20 23.14
CA SER D 246 -30.87 -19.46 23.40
C SER D 246 -31.91 -20.57 23.26
N ASP D 247 -33.17 -20.16 23.10
CA ASP D 247 -34.29 -21.05 22.80
C ASP D 247 -34.80 -20.85 21.36
PG ATP E . 32.58 8.43 -5.72
O1G ATP E . 33.47 7.42 -6.42
O2G ATP E . 32.45 9.77 -6.39
O3G ATP E . 31.26 7.87 -5.27
PB ATP E . 33.10 9.68 -3.15
O1B ATP E . 33.71 11.04 -3.28
O2B ATP E . 31.62 9.54 -2.81
O3B ATP E . 33.48 8.74 -4.41
PA ATP E . 33.48 8.09 -0.80
O1A ATP E . 32.53 7.02 -1.25
O2A ATP E . 33.06 9.11 0.22
O3A ATP E . 34.02 8.91 -2.07
O5' ATP E . 34.85 7.37 -0.29
C5' ATP E . 36.08 8.09 -0.26
C4' ATP E . 37.22 7.18 0.18
O4' ATP E . 36.83 6.40 1.31
C3' ATP E . 37.68 6.22 -0.91
O3' ATP E . 39.10 6.25 -0.98
C2' ATP E . 37.20 4.85 -0.45
O2' ATP E . 38.19 3.84 -0.70
C1' ATP E . 37.05 5.00 1.04
N9 ATP E . 35.91 4.21 1.56
C8 ATP E . 34.60 4.37 1.28
N7 ATP E . 33.84 3.46 1.94
C5 ATP E . 34.68 2.71 2.68
C6 ATP E . 34.54 1.57 3.63
N6 ATP E . 33.33 1.04 3.93
N1 ATP E . 35.68 1.08 4.19
C2 ATP E . 36.91 1.58 3.91
N3 ATP E . 37.10 2.62 3.06
C4 ATP E . 36.04 3.20 2.43
PG ATP F . 15.90 4.67 -18.38
O1G ATP F . 14.96 5.18 -17.32
O2G ATP F . 16.67 5.75 -19.11
O3G ATP F . 16.75 3.50 -17.94
PB ATP F . 15.29 3.22 -20.76
O1B ATP F . 15.42 4.14 -21.96
O2B ATP F . 16.42 2.29 -20.38
O3B ATP F . 14.88 4.11 -19.48
PA ATP F . 13.84 0.79 -20.86
O1A ATP F . 14.51 0.28 -19.62
O2A ATP F . 14.27 0.26 -22.20
O3A ATP F . 13.93 2.40 -20.89
O5' ATP F . 12.24 0.58 -20.72
C5' ATP F . 11.33 1.05 -21.71
C4' ATP F . 9.90 0.62 -21.41
O4' ATP F . 9.86 -0.79 -21.12
C3' ATP F . 9.32 1.31 -20.17
O3' ATP F . 7.92 1.57 -20.39
C2' ATP F . 9.45 0.29 -19.06
O2' ATP F . 8.45 0.45 -18.05
C1' ATP F . 9.34 -1.03 -19.81
N9 ATP F . 10.12 -2.11 -19.16
C8 ATP F . 11.45 -2.08 -18.88
N7 ATP F . 11.84 -3.24 -18.29
C5 ATP F . 10.76 -4.02 -18.20
C6 ATP F . 10.47 -5.38 -17.66
N6 ATP F . 11.46 -6.13 -17.12
N1 ATP F . 9.19 -5.83 -17.74
C2 ATP F . 8.20 -5.10 -18.29
N3 ATP F . 8.39 -3.86 -18.78
C4 ATP F . 9.63 -3.28 -18.76
PG ATP G . -21.89 -12.98 4.10
O1G ATP G . -20.44 -12.71 4.38
O2G ATP G . -22.51 -13.99 5.04
O3G ATP G . -22.73 -11.75 3.87
PB ATP G . -23.10 -14.01 1.68
O1B ATP G . -23.62 -15.38 2.04
O2B ATP G . -24.04 -12.81 1.67
O3B ATP G . -21.84 -13.74 2.66
PA ATP G . -22.48 -12.99 -0.94
O1A ATP G . -22.27 -11.60 -0.38
O2A ATP G . -23.68 -13.26 -1.81
O3A ATP G . -22.40 -14.11 0.23
O5' ATP G . -21.16 -13.36 -1.78
C5' ATP G . -21.05 -14.61 -2.47
C4' ATP G . -19.76 -14.68 -3.29
O4' ATP G . -19.73 -13.69 -4.32
C3' ATP G . -18.53 -14.46 -2.43
O3' ATP G . -17.54 -15.40 -2.84
C2' ATP G . -18.07 -13.05 -2.74
O2' ATP G . -16.65 -12.92 -2.68
C1' ATP G . -18.61 -12.79 -4.14
N9 ATP G . -19.11 -11.41 -4.32
C8 ATP G . -20.07 -10.81 -3.56
N7 ATP G . -20.31 -9.54 -4.01
C5 ATP G . -19.51 -9.33 -5.07
C6 ATP G . -19.27 -8.20 -6.00
N6 ATP G . -19.94 -7.03 -5.88
N1 ATP G . -18.36 -8.38 -6.98
C2 ATP G . -17.67 -9.54 -7.12
N3 ATP G . -17.84 -10.60 -6.30
C4 ATP G . -18.73 -10.55 -5.27
PG ATP H . -26.93 -0.19 20.34
O1G ATP H . -28.24 0.23 19.71
O2G ATP H . -26.99 -1.49 21.10
O3G ATP H . -25.75 -0.05 19.43
PB ATP H . -25.58 0.97 22.60
O1B ATP H . -25.94 -0.01 23.69
O2B ATP H . -24.23 0.86 21.92
O3B ATP H . -26.74 0.95 21.47
PA ATP H . -24.95 3.73 22.65
O1A ATP H . -24.70 3.59 21.17
O2A ATP H . -23.77 3.92 23.56
O3A ATP H . -25.78 2.46 23.18
O5' ATP H . -25.97 4.97 22.84
C5' ATP H . -26.64 5.20 24.10
C4' ATP H . -27.46 6.50 24.10
O4' ATP H . -26.68 7.64 23.69
C3' ATP H . -28.68 6.45 23.20
O3' ATP H . -29.82 6.81 23.99
C2' ATP H . -28.41 7.45 22.09
O2' ATP H . -29.57 8.24 21.76
C1' ATP H . -27.31 8.34 22.62
N9 ATP H . -26.30 8.64 21.56
C8 ATP H . -25.52 7.75 20.93
N7 ATP H . -24.70 8.36 20.02
C5 ATP H . -24.96 9.68 20.07
C6 ATP H . -24.47 10.89 19.37
N6 ATP H . -23.49 10.82 18.42
N1 ATP H . -25.00 12.08 19.72
C2 ATP H . -25.97 12.17 20.67
N3 ATP H . -26.47 11.11 21.34
C4 ATP H . -26.02 9.86 21.09
#